data_3DOY
#
_entry.id   3DOY
#
_cell.length_a   73.975
_cell.length_b   100.370
_cell.length_c   186.622
_cell.angle_alpha   90.000
_cell.angle_beta   90.000
_cell.angle_gamma   90.000
#
_symmetry.space_group_name_H-M   'P 21 21 21'
#
loop_
_entity.id
_entity.type
_entity.pdbx_description
1 polymer '(3R)-hydroxymyristoyl-acyl carrier protein dehydratase'
2 non-polymer 'CHLORIDE ION'
3 non-polymer BENZAMIDINE
4 non-polymer "4-chloro-N'-[(1E)-(3,5-dibromo-2,4-dihydroxyphenyl)methylidene]benzohydrazide"
5 water water
#
_entity_poly.entity_id   1
_entity_poly.type   'polypeptide(L)'
_entity_poly.pdbx_seq_one_letter_code
;MEQSHQNLQSQFFIEHILQILPHRYPMLLVDRITELQANQKIVAYKNITFNEDVFNGHFPNKPIFPGVLIVEGMAQSGGF
LAFTSLWGFDPEIAKTKIVYFMTIDKVKFRIPVTPGDRLEYHLEVLKHKGMIWQVGGTAQVDGKVVAEAELKAMIAERE
;
_entity_poly.pdbx_strand_id   A,B,C,D,E,F
#
# COMPACT_ATOMS: atom_id res chain seq x y z
N LEU A 8 13.02 16.02 31.66
CA LEU A 8 12.96 14.95 30.61
C LEU A 8 12.40 13.64 31.19
N GLN A 9 11.30 13.15 30.62
CA GLN A 9 10.68 11.92 31.09
C GLN A 9 11.51 10.70 30.67
N SER A 10 11.01 9.50 31.00
CA SER A 10 11.67 8.26 30.66
C SER A 10 10.76 7.41 29.77
N GLN A 11 9.45 7.60 29.89
CA GLN A 11 8.51 6.89 29.03
C GLN A 11 7.87 7.86 28.05
N PHE A 12 7.86 7.48 26.77
CA PHE A 12 7.27 8.28 25.70
C PHE A 12 6.46 7.32 24.83
N PHE A 13 5.27 7.75 24.42
CA PHE A 13 4.43 6.91 23.56
C PHE A 13 4.46 7.43 22.13
N ILE A 14 3.83 6.70 21.21
CA ILE A 14 3.84 7.08 19.80
C ILE A 14 3.46 8.53 19.54
N GLU A 15 2.56 9.07 20.34
CA GLU A 15 2.15 10.47 20.18
C GLU A 15 3.36 11.38 20.36
N HIS A 16 4.26 11.02 21.27
CA HIS A 16 5.45 11.82 21.54
C HIS A 16 6.53 11.58 20.51
N ILE A 17 6.68 10.33 20.10
CA ILE A 17 7.67 9.97 19.10
C ILE A 17 7.38 10.72 17.79
N LEU A 18 6.11 10.79 17.41
CA LEU A 18 5.68 11.48 16.21
C LEU A 18 6.07 12.95 16.19
N GLN A 19 6.20 13.54 17.38
CA GLN A 19 6.57 14.96 17.49
C GLN A 19 8.07 15.21 17.45
N ILE A 20 8.86 14.18 17.76
CA ILE A 20 10.31 14.31 17.78
C ILE A 20 10.98 13.81 16.49
N LEU A 21 10.61 12.62 16.03
CA LEU A 21 11.20 12.11 14.79
C LEU A 21 10.40 12.56 13.58
N PRO A 22 11.08 12.79 12.46
CA PRO A 22 10.40 13.22 11.23
C PRO A 22 9.90 12.01 10.42
N HIS A 23 10.38 10.83 10.76
CA HIS A 23 9.97 9.60 10.06
C HIS A 23 8.46 9.37 10.12
N ARG A 24 7.92 8.82 9.04
CA ARG A 24 6.50 8.51 8.96
C ARG A 24 6.32 7.19 8.23
N TYR A 25 5.08 6.71 8.16
CA TYR A 25 4.79 5.45 7.48
C TYR A 25 5.35 5.52 6.07
N PRO A 26 6.01 4.46 5.61
CA PRO A 26 6.29 3.19 6.28
C PRO A 26 7.75 3.06 6.75
N MET A 27 8.29 4.14 7.34
CA MET A 27 9.66 4.13 7.81
C MET A 27 9.84 4.60 9.25
N LEU A 28 8.73 4.76 9.98
CA LEU A 28 8.80 5.13 11.38
C LEU A 28 8.80 3.77 12.09
N LEU A 29 9.96 3.35 12.58
CA LEU A 29 10.07 2.03 13.19
C LEU A 29 10.26 1.93 14.69
N VAL A 30 9.71 2.88 15.43
CA VAL A 30 9.78 2.87 16.89
C VAL A 30 8.36 3.20 17.38
N ASP A 31 7.79 2.32 18.21
CA ASP A 31 6.43 2.52 18.73
C ASP A 31 6.33 3.08 20.14
N ARG A 32 7.34 2.83 20.96
CA ARG A 32 7.30 3.30 22.33
C ARG A 32 8.70 3.33 22.94
N ILE A 33 8.89 4.20 23.93
CA ILE A 33 10.17 4.34 24.61
C ILE A 33 9.90 4.00 26.06
N THR A 34 10.57 2.97 26.59
CA THR A 34 10.34 2.55 27.97
C THR A 34 11.27 3.19 29.01
N GLU A 35 12.48 3.54 28.60
CA GLU A 35 13.40 4.23 29.49
C GLU A 35 14.34 5.11 28.67
N LEU A 36 14.66 6.26 29.24
CA LEU A 36 15.50 7.23 28.57
C LEU A 36 16.35 7.94 29.61
N GLN A 37 17.65 7.99 29.35
CA GLN A 37 18.62 8.68 30.19
C GLN A 37 19.51 9.60 29.36
N ALA A 38 19.36 10.89 29.55
CA ALA A 38 20.11 11.89 28.81
C ALA A 38 21.60 11.60 28.69
N ASN A 39 22.11 11.67 27.46
CA ASN A 39 23.52 11.49 27.17
C ASN A 39 24.06 10.11 27.52
N GLN A 40 23.16 9.22 27.88
CA GLN A 40 23.54 7.91 28.36
C GLN A 40 22.89 6.77 27.61
N LYS A 41 21.57 6.65 27.69
CA LYS A 41 20.95 5.55 27.00
C LYS A 41 19.45 5.65 26.79
N ILE A 42 18.95 4.74 25.97
CA ILE A 42 17.53 4.66 25.68
C ILE A 42 17.13 3.21 25.46
N VAL A 43 15.90 2.89 25.86
CA VAL A 43 15.35 1.56 25.65
C VAL A 43 13.97 1.80 25.08
N ALA A 44 13.77 1.31 23.86
CA ALA A 44 12.50 1.47 23.19
C ALA A 44 12.20 0.16 22.46
N TYR A 45 11.04 0.10 21.81
CA TYR A 45 10.69 -1.10 21.08
C TYR A 45 9.72 -0.83 19.96
N LYS A 46 9.64 -1.79 19.05
CA LYS A 46 8.73 -1.74 17.93
C LYS A 46 8.03 -3.10 17.89
N ASN A 47 6.70 -3.08 17.84
CA ASN A 47 5.97 -4.33 17.76
C ASN A 47 6.06 -4.84 16.34
N ILE A 48 6.18 -6.16 16.20
CA ILE A 48 6.27 -6.75 14.87
C ILE A 48 5.01 -7.56 14.64
N THR A 49 4.25 -7.18 13.62
CA THR A 49 3.02 -7.87 13.29
C THR A 49 3.03 -8.30 11.82
N PHE A 50 2.25 -9.32 11.49
CA PHE A 50 2.19 -9.78 10.11
C PHE A 50 1.55 -8.72 9.22
N ASN A 51 0.68 -7.90 9.82
CA ASN A 51 -0.02 -6.86 9.08
C ASN A 51 0.87 -5.67 8.66
N GLU A 52 2.08 -5.97 8.22
CA GLU A 52 3.01 -4.93 7.78
C GLU A 52 3.40 -5.20 6.32
N ASP A 53 3.26 -4.18 5.48
CA ASP A 53 3.56 -4.31 4.05
C ASP A 53 4.88 -4.99 3.72
N VAL A 54 5.90 -4.75 4.53
CA VAL A 54 7.22 -5.34 4.29
C VAL A 54 7.20 -6.86 4.19
N PHE A 55 6.31 -7.51 4.92
CA PHE A 55 6.26 -8.96 4.88
C PHE A 55 5.68 -9.55 3.60
N ASN A 56 5.07 -8.71 2.76
CA ASN A 56 4.55 -9.20 1.49
C ASN A 56 5.72 -9.69 0.63
N GLY A 57 6.88 -9.07 0.79
CA GLY A 57 8.03 -9.45 0.01
C GLY A 57 9.27 -9.85 0.77
N HIS A 58 9.13 -10.22 2.03
CA HIS A 58 10.29 -10.60 2.82
C HIS A 58 9.92 -11.51 3.99
N PHE A 59 9.52 -12.75 3.71
CA PHE A 59 9.43 -13.29 2.35
C PHE A 59 8.07 -13.98 2.19
N PRO A 60 7.66 -14.24 0.94
CA PRO A 60 6.37 -14.90 0.71
C PRO A 60 6.36 -16.26 1.43
N ASN A 61 5.39 -16.46 2.30
CA ASN A 61 5.25 -17.71 3.07
C ASN A 61 6.25 -17.83 4.21
N LYS A 62 7.23 -16.93 4.26
CA LYS A 62 8.24 -16.98 5.31
C LYS A 62 8.56 -15.58 5.81
N PRO A 63 7.63 -14.95 6.54
CA PRO A 63 7.80 -13.59 7.07
C PRO A 63 8.99 -13.38 8.01
N ILE A 64 9.99 -12.64 7.52
CA ILE A 64 11.19 -12.31 8.30
C ILE A 64 11.36 -10.78 8.30
N PHE A 65 11.46 -10.18 9.47
CA PHE A 65 11.66 -8.74 9.54
C PHE A 65 13.09 -8.42 9.12
N PRO A 66 13.27 -7.62 8.05
CA PRO A 66 14.58 -7.23 7.52
C PRO A 66 15.61 -6.76 8.56
N GLY A 67 16.79 -7.38 8.51
CA GLY A 67 17.85 -7.02 9.43
C GLY A 67 18.22 -5.56 9.32
N VAL A 68 18.23 -5.03 8.10
CA VAL A 68 18.57 -3.64 7.89
C VAL A 68 17.54 -2.74 8.57
N LEU A 69 16.29 -3.20 8.64
CA LEU A 69 15.25 -2.40 9.28
C LEU A 69 15.41 -2.44 10.78
N ILE A 70 15.99 -3.50 11.31
CA ILE A 70 16.24 -3.59 12.74
C ILE A 70 17.27 -2.51 13.06
N VAL A 71 18.27 -2.40 12.18
CA VAL A 71 19.32 -1.42 12.36
C VAL A 71 18.73 -0.02 12.32
N GLU A 72 17.88 0.21 11.31
CA GLU A 72 17.20 1.50 11.12
C GLU A 72 16.44 1.86 12.39
N GLY A 73 15.83 0.85 13.00
CA GLY A 73 15.07 1.08 14.23
C GLY A 73 15.95 1.50 15.39
N MET A 74 17.14 0.90 15.48
CA MET A 74 18.09 1.24 16.53
C MET A 74 18.59 2.66 16.30
N ALA A 75 18.82 3.00 15.03
CA ALA A 75 19.29 4.34 14.67
C ALA A 75 18.26 5.42 15.04
N GLN A 76 16.99 5.13 14.79
CA GLN A 76 15.93 6.08 15.11
C GLN A 76 15.88 6.27 16.63
N SER A 77 16.09 5.19 17.38
CA SER A 77 16.09 5.26 18.84
C SER A 77 17.24 6.16 19.27
N GLY A 78 18.42 5.88 18.74
CA GLY A 78 19.57 6.70 19.08
C GLY A 78 19.31 8.15 18.71
N GLY A 79 18.66 8.35 17.56
CA GLY A 79 18.35 9.70 17.11
C GLY A 79 17.49 10.44 18.12
N PHE A 80 16.46 9.78 18.62
CA PHE A 80 15.56 10.37 19.61
C PHE A 80 16.37 10.76 20.84
N LEU A 81 17.21 9.83 21.28
CA LEU A 81 18.06 10.03 22.44
C LEU A 81 18.98 11.23 22.25
N ALA A 82 19.60 11.31 21.09
CA ALA A 82 20.50 12.40 20.78
C ALA A 82 19.81 13.75 20.87
N PHE A 83 18.77 13.94 20.06
CA PHE A 83 18.04 15.20 20.04
C PHE A 83 17.55 15.55 21.43
N THR A 84 16.90 14.58 22.05
CA THR A 84 16.33 14.70 23.37
C THR A 84 17.36 15.04 24.45
N SER A 85 18.55 14.48 24.36
CA SER A 85 19.60 14.77 25.33
C SER A 85 20.01 16.22 25.22
N LEU A 86 19.93 16.74 24.00
CA LEU A 86 20.32 18.12 23.74
C LEU A 86 19.24 19.18 23.98
N TRP A 87 18.06 19.00 23.42
CA TRP A 87 17.00 20.01 23.57
C TRP A 87 15.84 19.58 24.46
N GLY A 88 15.86 18.33 24.93
CA GLY A 88 14.74 17.86 25.73
C GLY A 88 13.57 17.62 24.79
N PHE A 89 12.36 17.49 25.33
CA PHE A 89 11.18 17.25 24.50
C PHE A 89 10.69 18.56 23.90
N ASP A 90 11.34 19.00 22.83
CA ASP A 90 11.00 20.24 22.16
C ASP A 90 10.55 20.00 20.72
N PRO A 91 9.24 19.81 20.51
CA PRO A 91 8.69 19.56 19.18
C PRO A 91 9.01 20.62 18.12
N GLU A 92 8.86 21.90 18.47
CA GLU A 92 9.11 22.99 17.52
C GLU A 92 10.53 23.00 16.96
N ILE A 93 11.52 22.70 17.81
CA ILE A 93 12.90 22.64 17.35
C ILE A 93 13.15 21.32 16.61
N ALA A 94 12.62 20.22 17.13
CA ALA A 94 12.78 18.92 16.49
C ALA A 94 12.39 19.04 15.02
N LYS A 95 11.35 19.82 14.80
CA LYS A 95 10.79 20.05 13.49
C LYS A 95 11.76 20.73 12.50
N THR A 96 12.92 21.19 12.99
CA THR A 96 13.90 21.86 12.14
C THR A 96 15.23 21.13 12.07
N LYS A 97 15.33 20.02 12.80
CA LYS A 97 16.54 19.21 12.81
C LYS A 97 16.24 17.85 12.21
N ILE A 98 17.28 17.12 11.87
CA ILE A 98 17.10 15.79 11.31
C ILE A 98 18.39 15.01 11.54
N VAL A 99 18.25 13.78 12.01
CA VAL A 99 19.42 12.94 12.27
C VAL A 99 19.76 12.16 11.01
N TYR A 100 21.06 12.04 10.73
CA TYR A 100 21.53 11.31 9.56
C TYR A 100 22.59 10.28 9.96
N PHE A 101 22.55 9.15 9.25
CA PHE A 101 23.49 8.05 9.43
C PHE A 101 24.83 8.52 8.84
N MET A 102 25.92 8.38 9.57
CA MET A 102 27.21 8.74 9.01
C MET A 102 27.90 7.40 8.75
N THR A 103 27.83 6.52 9.74
CA THR A 103 28.45 5.21 9.64
C THR A 103 27.67 4.15 10.42
N ILE A 104 27.94 2.90 10.08
CA ILE A 104 27.36 1.75 10.76
C ILE A 104 28.50 0.73 10.79
N ASP A 105 28.76 0.15 11.95
CA ASP A 105 29.83 -0.83 12.08
C ASP A 105 29.45 -1.92 13.05
N LYS A 106 30.17 -3.02 12.97
CA LYS A 106 29.98 -4.14 13.88
C LYS A 106 28.52 -4.65 14.00
N VAL A 107 27.84 -4.75 12.86
CA VAL A 107 26.47 -5.23 12.85
C VAL A 107 26.48 -6.76 12.79
N LYS A 108 25.75 -7.36 13.72
CA LYS A 108 25.67 -8.81 13.75
C LYS A 108 24.23 -9.23 13.94
N PHE A 109 23.75 -10.09 13.04
CA PHE A 109 22.39 -10.60 13.10
C PHE A 109 22.47 -12.01 13.71
N ARG A 110 21.87 -12.20 14.89
CA ARG A 110 21.92 -13.49 15.55
C ARG A 110 20.67 -14.34 15.47
N ILE A 111 19.50 -13.70 15.49
CA ILE A 111 18.25 -14.44 15.45
C ILE A 111 17.21 -13.75 14.58
N PRO A 112 16.51 -14.52 13.74
CA PRO A 112 15.50 -13.90 12.90
C PRO A 112 14.34 -13.34 13.73
N VAL A 113 13.85 -12.18 13.32
CA VAL A 113 12.75 -11.52 13.99
C VAL A 113 11.49 -11.82 13.16
N THR A 114 10.41 -12.22 13.82
CA THR A 114 9.19 -12.55 13.09
C THR A 114 7.92 -11.96 13.69
N PRO A 115 6.80 -12.02 12.95
CA PRO A 115 5.54 -11.48 13.45
C PRO A 115 5.21 -12.08 14.82
N GLY A 116 4.81 -11.21 15.75
CA GLY A 116 4.49 -11.65 17.09
C GLY A 116 5.58 -11.22 18.06
N ASP A 117 6.74 -10.89 17.53
CA ASP A 117 7.88 -10.46 18.37
C ASP A 117 7.81 -8.99 18.74
N ARG A 118 8.38 -8.67 19.90
CA ARG A 118 8.47 -7.31 20.40
C ARG A 118 9.96 -6.98 20.28
N LEU A 119 10.30 -6.21 19.26
CA LEU A 119 11.69 -5.83 19.00
C LEU A 119 12.14 -4.68 19.90
N GLU A 120 12.91 -5.02 20.92
CA GLU A 120 13.42 -4.05 21.89
C GLU A 120 14.78 -3.45 21.52
N TYR A 121 14.84 -2.12 21.41
CA TYR A 121 16.08 -1.44 21.07
C TYR A 121 16.79 -0.96 22.34
N HIS A 122 18.03 -1.37 22.51
CA HIS A 122 18.84 -0.97 23.66
C HIS A 122 20.07 -0.21 23.11
N LEU A 123 20.02 1.11 23.17
CA LEU A 123 21.12 1.93 22.68
C LEU A 123 21.78 2.70 23.82
N GLU A 124 23.10 2.81 23.75
CA GLU A 124 23.86 3.52 24.75
C GLU A 124 24.82 4.50 24.05
N VAL A 125 25.01 5.68 24.66
CA VAL A 125 25.88 6.70 24.10
C VAL A 125 27.36 6.37 24.34
N LEU A 126 28.09 6.13 23.26
CA LEU A 126 29.51 5.80 23.36
C LEU A 126 30.37 7.07 23.32
N LYS A 127 29.85 8.10 22.64
CA LYS A 127 30.56 9.38 22.55
C LYS A 127 29.71 10.45 21.90
N HIS A 128 29.53 11.57 22.57
CA HIS A 128 28.78 12.66 21.97
C HIS A 128 29.66 13.90 22.02
N LYS A 129 29.51 14.74 21.03
CA LYS A 129 30.30 15.96 20.93
C LYS A 129 29.53 16.86 19.99
N GLY A 130 28.72 17.74 20.57
CA GLY A 130 27.92 18.63 19.75
C GLY A 130 26.87 17.84 19.02
N MET A 131 26.78 18.04 17.70
CA MET A 131 25.80 17.38 16.87
C MET A 131 26.24 15.99 16.41
N ILE A 132 27.42 15.57 16.85
CA ILE A 132 27.96 14.27 16.47
C ILE A 132 27.79 13.24 17.60
N TRP A 133 27.01 12.19 17.32
CA TRP A 133 26.72 11.14 18.29
C TRP A 133 27.06 9.73 17.81
N GLN A 134 27.81 9.01 18.63
CA GLN A 134 28.19 7.63 18.33
C GLN A 134 27.50 6.76 19.37
N VAL A 135 26.62 5.86 18.91
CA VAL A 135 25.89 4.97 19.80
C VAL A 135 26.08 3.52 19.41
N GLY A 136 25.87 2.64 20.38
CA GLY A 136 26.02 1.23 20.13
C GLY A 136 25.05 0.52 21.02
N GLY A 137 24.63 -0.67 20.60
CA GLY A 137 23.68 -1.41 21.40
C GLY A 137 23.21 -2.69 20.75
N THR A 138 22.03 -3.13 21.15
CA THR A 138 21.49 -4.38 20.64
C THR A 138 19.98 -4.32 20.42
N ALA A 139 19.48 -5.27 19.63
CA ALA A 139 18.05 -5.40 19.40
C ALA A 139 17.75 -6.73 20.11
N GLN A 140 16.78 -6.70 21.02
CA GLN A 140 16.45 -7.88 21.77
C GLN A 140 15.00 -8.33 21.64
N VAL A 141 14.79 -9.62 21.83
CA VAL A 141 13.45 -10.21 21.78
C VAL A 141 13.36 -11.20 22.92
N ASP A 142 12.46 -10.93 23.86
CA ASP A 142 12.27 -11.79 25.02
C ASP A 142 13.59 -12.11 25.73
N GLY A 143 14.36 -11.07 26.00
CA GLY A 143 15.62 -11.24 26.70
C GLY A 143 16.83 -11.66 25.90
N LYS A 144 16.65 -12.18 24.68
CA LYS A 144 17.79 -12.62 23.87
C LYS A 144 18.22 -11.61 22.80
N VAL A 145 19.53 -11.51 22.60
CA VAL A 145 20.08 -10.58 21.61
C VAL A 145 19.86 -11.13 20.20
N VAL A 146 19.08 -10.43 19.38
CA VAL A 146 18.82 -10.88 18.02
C VAL A 146 19.68 -10.12 17.02
N ALA A 147 20.22 -8.99 17.46
CA ALA A 147 21.08 -8.17 16.61
C ALA A 147 21.97 -7.25 17.43
N GLU A 148 23.10 -6.89 16.85
CA GLU A 148 24.09 -6.01 17.44
C GLU A 148 24.47 -4.96 16.40
N ALA A 149 24.68 -3.74 16.84
CA ALA A 149 25.07 -2.68 15.92
C ALA A 149 25.70 -1.51 16.63
N GLU A 150 26.43 -0.74 15.85
CA GLU A 150 27.10 0.45 16.35
C GLU A 150 27.03 1.46 15.21
N LEU A 151 26.79 2.72 15.53
CA LEU A 151 26.69 3.74 14.51
C LEU A 151 26.96 5.14 15.02
N LYS A 152 27.34 6.01 14.10
CA LYS A 152 27.63 7.40 14.39
C LYS A 152 26.61 8.20 13.59
N ALA A 153 25.95 9.14 14.25
CA ALA A 153 24.96 9.95 13.58
C ALA A 153 25.29 11.43 13.63
N MET A 154 24.57 12.19 12.82
CA MET A 154 24.75 13.62 12.74
C MET A 154 23.39 14.30 12.87
N ILE A 155 23.33 15.35 13.69
CA ILE A 155 22.09 16.10 13.85
C ILE A 155 22.27 17.30 12.93
N ALA A 156 21.56 17.31 11.83
CA ALA A 156 21.69 18.38 10.87
C ALA A 156 20.43 19.24 10.77
N GLU A 157 20.53 20.31 9.98
CA GLU A 157 19.42 21.23 9.75
C GLU A 157 18.52 20.56 8.72
N ARG A 158 17.24 20.85 8.74
CA ARG A 158 16.35 20.25 7.75
C ARG A 158 16.36 21.10 6.48
N GLU A 159 16.86 22.33 6.60
CA GLU A 159 16.97 23.25 5.47
C GLU A 159 18.36 23.88 5.46
N SER B 10 26.18 -12.33 -18.50
CA SER B 10 26.74 -11.16 -17.76
C SER B 10 25.71 -10.04 -17.53
N GLN B 11 24.57 -10.11 -18.21
CA GLN B 11 23.51 -9.10 -17.99
C GLN B 11 22.16 -9.77 -17.71
N PHE B 12 21.65 -9.54 -16.50
CA PHE B 12 20.36 -10.12 -16.10
C PHE B 12 19.31 -9.05 -15.86
N PHE B 13 18.11 -9.28 -16.39
CA PHE B 13 17.01 -8.33 -16.23
C PHE B 13 16.10 -8.79 -15.11
N ILE B 14 15.14 -7.95 -14.75
CA ILE B 14 14.24 -8.26 -13.65
C ILE B 14 13.68 -9.70 -13.60
N GLU B 15 13.26 -10.26 -14.73
CA GLU B 15 12.71 -11.62 -14.72
C GLU B 15 13.75 -12.64 -14.25
N HIS B 16 14.99 -12.47 -14.69
CA HIS B 16 16.06 -13.37 -14.28
C HIS B 16 16.26 -13.21 -12.78
N ILE B 17 16.30 -11.95 -12.34
CA ILE B 17 16.49 -11.65 -10.93
C ILE B 17 15.38 -12.30 -10.08
N LEU B 18 14.15 -12.21 -10.57
CA LEU B 18 13.00 -12.80 -9.87
C LEU B 18 13.09 -14.33 -9.72
N GLN B 19 13.82 -14.98 -10.62
CA GLN B 19 13.98 -16.44 -10.55
C GLN B 19 15.09 -16.87 -9.60
N ILE B 20 16.00 -15.95 -9.28
CA ILE B 20 17.10 -16.26 -8.38
C ILE B 20 16.86 -15.76 -6.95
N LEU B 21 16.51 -14.49 -6.79
CA LEU B 21 16.26 -13.94 -5.46
C LEU B 21 14.83 -14.22 -4.99
N PRO B 22 14.66 -14.58 -3.71
CA PRO B 22 13.36 -14.88 -3.11
C PRO B 22 12.58 -13.62 -2.73
N HIS B 23 13.28 -12.49 -2.71
CA HIS B 23 12.68 -11.21 -2.35
C HIS B 23 11.61 -10.76 -3.34
N ARG B 24 10.57 -10.10 -2.83
CA ARG B 24 9.49 -9.60 -3.66
C ARG B 24 9.11 -8.20 -3.16
N TYR B 25 8.15 -7.56 -3.83
CA TYR B 25 7.71 -6.23 -3.43
C TYR B 25 7.20 -6.27 -2.00
N PRO B 26 7.54 -5.25 -1.20
CA PRO B 26 8.35 -4.10 -1.61
C PRO B 26 9.77 -4.21 -1.07
N MET B 27 10.37 -5.39 -1.17
CA MET B 27 11.73 -5.61 -0.67
C MET B 27 12.75 -6.14 -1.68
N LEU B 28 12.41 -6.19 -2.97
CA LEU B 28 13.37 -6.62 -3.98
C LEU B 28 13.96 -5.30 -4.48
N LEU B 29 15.18 -5.03 -4.06
CA LEU B 29 15.83 -3.77 -4.40
C LEU B 29 16.92 -3.78 -5.46
N VAL B 30 16.81 -4.70 -6.43
CA VAL B 30 17.76 -4.77 -7.54
C VAL B 30 16.96 -4.90 -8.84
N ASP B 31 17.13 -3.95 -9.75
CA ASP B 31 16.38 -3.99 -11.01
C ASP B 31 17.08 -4.68 -12.18
N ARG B 32 18.39 -4.56 -12.24
CA ARG B 32 19.14 -5.13 -13.35
C ARG B 32 20.59 -5.39 -12.98
N ILE B 33 21.18 -6.38 -13.63
CA ILE B 33 22.57 -6.75 -13.41
C ILE B 33 23.32 -6.49 -14.72
N THR B 34 24.25 -5.54 -14.68
CA THR B 34 25.01 -5.17 -15.86
C THR B 34 26.34 -5.92 -16.01
N GLU B 35 26.87 -6.46 -14.92
CA GLU B 35 28.14 -7.18 -14.98
C GLU B 35 28.24 -8.28 -13.93
N LEU B 36 28.89 -9.38 -14.28
CA LEU B 36 29.03 -10.49 -13.35
C LEU B 36 30.23 -11.41 -13.70
N GLN B 37 31.23 -11.45 -12.82
CA GLN B 37 32.41 -12.29 -12.98
C GLN B 37 32.36 -13.27 -11.80
N ALA B 38 32.18 -14.55 -12.08
CA ALA B 38 32.10 -15.56 -11.02
C ALA B 38 33.22 -15.49 -9.99
N ASN B 39 32.85 -15.62 -8.71
CA ASN B 39 33.82 -15.59 -7.61
C ASN B 39 34.58 -14.28 -7.53
N GLN B 40 34.21 -13.30 -8.34
CA GLN B 40 34.97 -12.06 -8.37
C GLN B 40 34.20 -10.77 -8.14
N LYS B 41 33.23 -10.47 -8.98
CA LYS B 41 32.50 -9.25 -8.78
C LYS B 41 31.19 -9.10 -9.53
N ILE B 42 30.42 -8.10 -9.12
CA ILE B 42 29.13 -7.83 -9.74
C ILE B 42 28.87 -6.33 -9.75
N VAL B 43 28.17 -5.87 -10.78
CA VAL B 43 27.78 -4.48 -10.88
C VAL B 43 26.31 -4.57 -11.27
N ALA B 44 25.45 -3.98 -10.46
CA ALA B 44 24.02 -4.01 -10.70
C ALA B 44 23.45 -2.69 -10.24
N TYR B 45 22.18 -2.45 -10.55
CA TYR B 45 21.59 -1.20 -10.13
C TYR B 45 20.09 -1.26 -9.87
N LYS B 46 19.62 -0.25 -9.15
CA LYS B 46 18.22 -0.09 -8.84
C LYS B 46 17.89 1.37 -9.14
N ASN B 47 16.88 1.59 -9.98
CA ASN B 47 16.47 2.95 -10.28
C ASN B 47 15.69 3.52 -9.08
N ILE B 48 15.89 4.79 -8.78
CA ILE B 48 15.17 5.41 -7.67
C ILE B 48 14.18 6.39 -8.27
N THR B 49 12.91 6.22 -7.93
CA THR B 49 11.85 7.05 -8.46
C THR B 49 10.96 7.53 -7.31
N PHE B 50 10.26 8.64 -7.52
CA PHE B 50 9.37 9.15 -6.47
C PHE B 50 8.21 8.18 -6.23
N ASN B 51 7.84 7.42 -7.27
CA ASN B 51 6.73 6.48 -7.19
C ASN B 51 6.96 5.24 -6.31
N GLU B 52 7.70 5.43 -5.22
CA GLU B 52 7.97 4.33 -4.31
C GLU B 52 7.35 4.62 -2.94
N ASP B 53 6.69 3.62 -2.39
CA ASP B 53 6.03 3.77 -1.11
C ASP B 53 6.93 4.29 0.02
N VAL B 54 8.21 3.90 0.00
CA VAL B 54 9.17 4.33 1.02
C VAL B 54 9.18 5.84 1.20
N PHE B 55 9.01 6.57 0.11
CA PHE B 55 9.05 8.02 0.14
C PHE B 55 7.92 8.72 0.88
N ASN B 56 6.86 8.00 1.19
CA ASN B 56 5.77 8.62 1.93
C ASN B 56 6.24 8.99 3.33
N GLY B 57 7.20 8.23 3.86
CA GLY B 57 7.67 8.55 5.20
C GLY B 57 9.15 8.82 5.38
N HIS B 58 9.91 8.91 4.29
CA HIS B 58 11.34 9.13 4.40
C HIS B 58 11.91 10.09 3.35
N PHE B 59 11.54 11.37 3.43
CA PHE B 59 10.62 11.86 4.46
C PHE B 59 9.58 12.76 3.81
N PRO B 60 8.49 13.07 4.53
CA PRO B 60 7.45 13.94 3.98
C PRO B 60 8.08 15.26 3.49
N ASN B 61 7.84 15.62 2.23
CA ASN B 61 8.37 16.88 1.67
C ASN B 61 9.88 16.85 1.35
N LYS B 62 10.58 15.78 1.72
CA LYS B 62 12.02 15.66 1.42
C LYS B 62 12.36 14.19 1.17
N PRO B 63 12.18 13.73 -0.07
CA PRO B 63 12.45 12.36 -0.52
C PRO B 63 13.92 11.94 -0.46
N ILE B 64 14.24 10.99 0.41
CA ILE B 64 15.59 10.49 0.54
C ILE B 64 15.54 8.99 0.73
N PHE B 65 16.19 8.27 -0.19
CA PHE B 65 16.23 6.82 -0.14
C PHE B 65 16.98 6.37 1.12
N PRO B 66 16.34 5.57 1.97
CA PRO B 66 16.99 5.08 3.21
C PRO B 66 18.38 4.49 3.01
N GLY B 67 19.32 4.94 3.83
CA GLY B 67 20.67 4.43 3.76
C GLY B 67 20.76 2.94 4.04
N VAL B 68 19.88 2.43 4.90
CA VAL B 68 19.90 1.01 5.21
C VAL B 68 19.35 0.21 4.03
N LEU B 69 18.54 0.86 3.20
CA LEU B 69 17.99 0.21 2.02
C LEU B 69 19.02 0.18 0.91
N ILE B 70 20.01 1.05 1.01
CA ILE B 70 21.08 1.07 0.01
C ILE B 70 21.94 -0.16 0.31
N VAL B 71 22.13 -0.42 1.60
CA VAL B 71 22.90 -1.56 2.08
C VAL B 71 22.21 -2.86 1.73
N GLU B 72 20.89 -2.89 1.90
CA GLU B 72 20.09 -4.06 1.59
C GLU B 72 20.27 -4.39 0.11
N GLY B 73 20.31 -3.33 -0.71
CA GLY B 73 20.47 -3.51 -2.14
C GLY B 73 21.84 -4.08 -2.49
N MET B 74 22.86 -3.72 -1.69
CA MET B 74 24.20 -4.20 -1.92
C MET B 74 24.27 -5.64 -1.48
N ALA B 75 23.54 -5.96 -0.41
CA ALA B 75 23.49 -7.32 0.10
C ALA B 75 22.85 -8.24 -0.95
N GLN B 76 21.70 -7.83 -1.46
CA GLN B 76 21.02 -8.63 -2.47
C GLN B 76 21.91 -8.85 -3.69
N SER B 77 22.67 -7.82 -4.08
CA SER B 77 23.58 -7.96 -5.21
C SER B 77 24.69 -8.96 -4.88
N GLY B 78 25.26 -8.82 -3.69
CA GLY B 78 26.31 -9.71 -3.27
C GLY B 78 25.82 -11.14 -3.16
N GLY B 79 24.60 -11.30 -2.67
CA GLY B 79 24.02 -12.63 -2.54
C GLY B 79 23.79 -13.22 -3.92
N PHE B 80 23.41 -12.38 -4.88
CA PHE B 80 23.18 -12.84 -6.23
C PHE B 80 24.51 -13.31 -6.82
N LEU B 81 25.58 -12.61 -6.46
CA LEU B 81 26.93 -12.93 -6.93
C LEU B 81 27.34 -14.28 -6.35
N ALA B 82 27.30 -14.38 -5.01
CA ALA B 82 27.69 -15.62 -4.34
C ALA B 82 26.95 -16.81 -4.93
N PHE B 83 25.63 -16.71 -5.02
CA PHE B 83 24.83 -17.80 -5.54
C PHE B 83 25.16 -18.24 -6.97
N THR B 84 25.17 -17.29 -7.90
CA THR B 84 25.44 -17.62 -9.29
C THR B 84 26.87 -18.11 -9.53
N SER B 85 27.79 -17.71 -8.65
CA SER B 85 29.18 -18.14 -8.79
C SER B 85 29.25 -19.65 -8.60
N LEU B 86 28.51 -20.14 -7.63
CA LEU B 86 28.51 -21.57 -7.32
C LEU B 86 27.60 -22.40 -8.22
N TRP B 87 26.39 -21.91 -8.47
CA TRP B 87 25.42 -22.64 -9.26
C TRP B 87 24.97 -22.00 -10.57
N GLY B 88 25.46 -20.81 -10.87
CA GLY B 88 25.07 -20.15 -12.11
C GLY B 88 23.59 -19.78 -12.12
N PHE B 89 23.04 -19.56 -13.31
CA PHE B 89 21.62 -19.22 -13.40
C PHE B 89 20.79 -20.49 -13.32
N ASP B 90 20.47 -20.89 -12.10
CA ASP B 90 19.70 -22.11 -11.85
C ASP B 90 18.49 -21.84 -10.94
N PRO B 91 17.33 -21.52 -11.54
CA PRO B 91 16.11 -21.25 -10.78
C PRO B 91 15.73 -22.42 -9.86
N GLU B 92 15.87 -23.64 -10.34
CA GLU B 92 15.53 -24.82 -9.56
C GLU B 92 16.31 -24.92 -8.27
N ILE B 93 17.64 -24.84 -8.36
CA ILE B 93 18.46 -24.91 -7.16
C ILE B 93 18.20 -23.67 -6.29
N ALA B 94 18.00 -22.52 -6.93
CA ALA B 94 17.76 -21.28 -6.22
C ALA B 94 16.67 -21.43 -5.17
N LYS B 95 15.67 -22.26 -5.46
CA LYS B 95 14.57 -22.48 -4.54
C LYS B 95 14.93 -23.35 -3.33
N THR B 96 16.07 -24.03 -3.40
CA THR B 96 16.47 -24.90 -2.28
C THR B 96 17.55 -24.28 -1.42
N LYS B 97 17.84 -23.00 -1.66
CA LYS B 97 18.88 -22.31 -0.90
C LYS B 97 18.39 -20.95 -0.39
N ILE B 98 19.05 -20.48 0.65
CA ILE B 98 18.74 -19.17 1.22
C ILE B 98 20.05 -18.52 1.62
N VAL B 99 20.23 -17.28 1.15
CA VAL B 99 21.43 -16.53 1.47
C VAL B 99 21.06 -15.41 2.44
N TYR B 100 21.26 -15.64 3.73
CA TYR B 100 20.97 -14.60 4.71
C TYR B 100 22.30 -13.98 5.15
N PHE B 101 22.24 -12.78 5.72
CA PHE B 101 23.47 -12.11 6.15
C PHE B 101 23.78 -12.17 7.63
N MET B 102 25.02 -12.46 7.94
CA MET B 102 25.46 -12.58 9.32
C MET B 102 25.99 -11.26 9.86
N THR B 103 26.85 -10.61 9.08
CA THR B 103 27.42 -9.35 9.51
C THR B 103 27.41 -8.34 8.40
N ILE B 104 27.65 -7.10 8.80
CA ILE B 104 27.73 -5.94 7.93
C ILE B 104 28.70 -5.02 8.66
N ASP B 105 29.67 -4.47 7.94
CA ASP B 105 30.66 -3.63 8.60
C ASP B 105 31.20 -2.55 7.67
N LYS B 106 31.99 -1.64 8.23
CA LYS B 106 32.61 -0.55 7.47
C LYS B 106 31.62 0.16 6.56
N VAL B 107 30.46 0.50 7.08
CA VAL B 107 29.46 1.18 6.28
C VAL B 107 29.64 2.67 6.46
N LYS B 108 29.55 3.42 5.36
CA LYS B 108 29.69 4.87 5.40
C LYS B 108 28.80 5.48 4.33
N PHE B 109 28.07 6.52 4.68
CA PHE B 109 27.19 7.19 3.73
C PHE B 109 27.80 8.56 3.42
N ARG B 110 27.98 8.85 2.14
CA ARG B 110 28.59 10.11 1.73
C ARG B 110 27.66 11.08 1.03
N ILE B 111 26.76 10.57 0.20
CA ILE B 111 25.85 11.42 -0.55
C ILE B 111 24.42 10.87 -0.50
N PRO B 112 23.44 11.76 -0.29
CA PRO B 112 22.05 11.30 -0.24
C PRO B 112 21.53 10.87 -1.62
N VAL B 113 20.81 9.76 -1.65
CA VAL B 113 20.25 9.23 -2.89
C VAL B 113 18.79 9.69 -3.00
N THR B 114 18.43 10.31 -4.12
CA THR B 114 17.07 10.83 -4.29
C THR B 114 16.38 10.32 -5.56
N PRO B 115 15.06 10.56 -5.66
CA PRO B 115 14.32 10.12 -6.84
C PRO B 115 14.98 10.71 -8.09
N GLY B 116 15.24 9.88 -9.09
CA GLY B 116 15.88 10.35 -10.31
C GLY B 116 17.27 9.76 -10.46
N ASP B 117 17.81 9.23 -9.37
CA ASP B 117 19.14 8.63 -9.38
C ASP B 117 19.10 7.16 -9.79
N ARG B 118 20.17 6.73 -10.45
CA ARG B 118 20.33 5.35 -10.85
C ARG B 118 21.35 4.84 -9.82
N LEU B 119 20.87 4.07 -8.84
CA LEU B 119 21.73 3.55 -7.77
C LEU B 119 22.46 2.28 -8.21
N GLU B 120 23.75 2.45 -8.50
CA GLU B 120 24.60 1.36 -8.96
C GLU B 120 25.34 0.66 -7.81
N TYR B 121 25.22 -0.67 -7.75
CA TYR B 121 25.91 -1.45 -6.72
C TYR B 121 27.19 -2.05 -7.29
N HIS B 122 28.30 -1.85 -6.58
CA HIS B 122 29.59 -2.38 -6.99
C HIS B 122 30.17 -3.24 -5.87
N LEU B 123 29.97 -4.55 -5.98
CA LEU B 123 30.47 -5.49 -4.98
C LEU B 123 31.51 -6.44 -5.58
N GLU B 124 32.47 -6.84 -4.75
CA GLU B 124 33.49 -7.78 -5.17
C GLU B 124 33.63 -8.80 -4.03
N VAL B 125 34.10 -10.00 -4.35
CA VAL B 125 34.30 -11.02 -3.33
C VAL B 125 35.63 -10.77 -2.60
N LEU B 126 35.56 -10.42 -1.31
CA LEU B 126 36.77 -10.18 -0.53
C LEU B 126 37.40 -11.53 -0.22
N LYS B 127 36.56 -12.49 0.18
CA LYS B 127 37.00 -13.85 0.46
C LYS B 127 35.79 -14.76 0.67
N HIS B 128 36.01 -16.05 0.45
CA HIS B 128 34.95 -17.03 0.61
C HIS B 128 35.55 -18.36 0.99
N LYS B 129 34.82 -19.11 1.80
CA LYS B 129 35.25 -20.42 2.24
C LYS B 129 33.98 -21.23 2.49
N GLY B 130 33.76 -22.25 1.68
CA GLY B 130 32.56 -23.04 1.84
C GLY B 130 31.36 -22.20 1.47
N MET B 131 30.37 -22.17 2.35
CA MET B 131 29.14 -21.41 2.11
C MET B 131 29.16 -20.02 2.73
N ILE B 132 30.33 -19.61 3.22
CA ILE B 132 30.46 -18.31 3.83
C ILE B 132 31.22 -17.39 2.89
N TRP B 133 30.52 -16.38 2.39
CA TRP B 133 31.09 -15.41 1.45
C TRP B 133 31.12 -14.00 2.01
N GLN B 134 32.24 -13.31 1.80
CA GLN B 134 32.39 -11.94 2.27
C GLN B 134 32.57 -11.02 1.07
N VAL B 135 31.65 -10.10 0.88
CA VAL B 135 31.74 -9.17 -0.23
C VAL B 135 31.87 -7.75 0.29
N GLY B 136 32.26 -6.83 -0.59
CA GLY B 136 32.40 -5.44 -0.19
C GLY B 136 32.47 -4.56 -1.42
N GLY B 137 32.25 -3.27 -1.23
CA GLY B 137 32.30 -2.37 -2.36
C GLY B 137 31.58 -1.07 -2.09
N THR B 138 30.98 -0.52 -3.13
CA THR B 138 30.31 0.76 -2.99
C THR B 138 28.97 0.86 -3.71
N ALA B 139 28.25 1.92 -3.39
CA ALA B 139 26.97 2.23 -4.01
C ALA B 139 27.34 3.53 -4.75
N GLN B 140 27.03 3.61 -6.03
CA GLN B 140 27.38 4.79 -6.81
C GLN B 140 26.25 5.38 -7.63
N VAL B 141 26.24 6.71 -7.72
CA VAL B 141 25.26 7.43 -8.51
C VAL B 141 26.04 8.31 -9.46
N ASP B 142 25.88 8.05 -10.75
CA ASP B 142 26.58 8.81 -11.78
C ASP B 142 28.08 8.91 -11.54
N GLY B 143 28.73 7.76 -11.33
CA GLY B 143 30.16 7.74 -11.12
C GLY B 143 30.71 8.12 -9.76
N LYS B 144 29.90 8.72 -8.89
CA LYS B 144 30.37 9.11 -7.56
C LYS B 144 29.96 8.10 -6.49
N VAL B 145 30.82 7.89 -5.51
CA VAL B 145 30.54 6.96 -4.41
C VAL B 145 29.57 7.62 -3.44
N VAL B 146 28.41 7.00 -3.24
CA VAL B 146 27.43 7.56 -2.31
C VAL B 146 27.42 6.75 -1.02
N ALA B 147 28.01 5.57 -1.07
CA ALA B 147 28.10 4.70 0.10
C ALA B 147 29.12 3.58 -0.11
N GLU B 148 29.51 2.95 0.98
CA GLU B 148 30.44 1.83 0.92
C GLU B 148 30.11 0.89 2.08
N ALA B 149 30.33 -0.40 1.88
CA ALA B 149 30.02 -1.38 2.91
C ALA B 149 30.65 -2.75 2.67
N GLU B 150 30.78 -3.50 3.76
CA GLU B 150 31.32 -4.85 3.71
C GLU B 150 30.27 -5.74 4.36
N LEU B 151 30.02 -6.91 3.76
CA LEU B 151 29.02 -7.83 4.28
C LEU B 151 29.50 -9.27 4.25
N LYS B 152 28.95 -10.10 5.12
CA LYS B 152 29.31 -11.51 5.16
C LYS B 152 28.05 -12.34 5.12
N ALA B 153 27.83 -13.02 4.00
CA ALA B 153 26.65 -13.84 3.85
C ALA B 153 26.94 -15.29 4.14
N MET B 154 25.87 -16.06 4.25
CA MET B 154 25.94 -17.48 4.54
C MET B 154 24.90 -18.16 3.65
N ILE B 155 25.33 -19.10 2.83
CA ILE B 155 24.41 -19.80 1.96
C ILE B 155 24.00 -21.11 2.62
N ALA B 156 22.71 -21.29 2.86
CA ALA B 156 22.22 -22.50 3.50
C ALA B 156 21.03 -23.10 2.74
N GLU B 157 20.56 -24.26 3.22
CA GLU B 157 19.42 -24.93 2.61
C GLU B 157 18.10 -24.29 3.06
N ARG B 158 17.20 -24.05 2.11
CA ARG B 158 15.90 -23.43 2.42
C ARG B 158 15.13 -24.31 3.40
N GLN C 9 -27.75 20.68 4.47
CA GLN C 9 -28.09 20.24 3.08
C GLN C 9 -28.83 18.91 3.13
N SER C 10 -28.87 18.22 1.99
CA SER C 10 -29.51 16.91 1.88
C SER C 10 -28.55 15.95 1.19
N GLN C 11 -27.83 16.44 0.17
CA GLN C 11 -26.87 15.61 -0.56
C GLN C 11 -25.45 16.10 -0.27
N PHE C 12 -24.59 15.20 0.21
CA PHE C 12 -23.21 15.57 0.49
C PHE C 12 -22.31 14.61 -0.29
N PHE C 13 -21.34 15.15 -1.00
CA PHE C 13 -20.42 14.33 -1.75
C PHE C 13 -19.13 14.08 -0.98
N ILE C 14 -18.20 13.35 -1.58
CA ILE C 14 -16.95 12.99 -0.92
C ILE C 14 -16.17 14.20 -0.38
N GLU C 15 -16.17 15.33 -1.10
CA GLU C 15 -15.44 16.49 -0.60
C GLU C 15 -16.08 17.03 0.67
N HIS C 16 -17.41 16.95 0.78
CA HIS C 16 -18.10 17.40 1.98
C HIS C 16 -17.85 16.41 3.12
N ILE C 17 -17.91 15.12 2.80
CA ILE C 17 -17.69 14.09 3.81
C ILE C 17 -16.31 14.23 4.41
N LEU C 18 -15.32 14.56 3.58
CA LEU C 18 -13.95 14.73 4.05
C LEU C 18 -13.81 15.87 5.07
N GLN C 19 -14.66 16.89 4.97
CA GLN C 19 -14.56 18.01 5.88
C GLN C 19 -15.25 17.76 7.23
N ILE C 20 -16.10 16.73 7.29
CA ILE C 20 -16.79 16.44 8.53
C ILE C 20 -16.19 15.27 9.31
N LEU C 21 -15.88 14.19 8.62
CA LEU C 21 -15.29 13.03 9.27
C LEU C 21 -13.77 13.13 9.30
N PRO C 22 -13.14 12.63 10.37
CA PRO C 22 -11.68 12.68 10.49
C PRO C 22 -11.05 11.51 9.76
N HIS C 23 -11.87 10.51 9.45
CA HIS C 23 -11.42 9.30 8.75
C HIS C 23 -10.79 9.59 7.39
N ARG C 24 -9.72 8.86 7.08
CA ARG C 24 -9.02 8.99 5.81
C ARG C 24 -8.64 7.62 5.30
N TYR C 25 -8.05 7.55 4.11
CA TYR C 25 -7.64 6.28 3.53
C TYR C 25 -6.65 5.60 4.48
N PRO C 26 -6.81 4.28 4.69
CA PRO C 26 -7.83 3.40 4.12
C PRO C 26 -9.02 3.08 5.04
N MET C 27 -9.49 4.07 5.78
CA MET C 27 -10.61 3.83 6.69
C MET C 27 -11.83 4.75 6.53
N LEU C 28 -11.87 5.53 5.45
CA LEU C 28 -13.03 6.39 5.18
C LEU C 28 -13.90 5.50 4.29
N LEU C 29 -14.98 4.98 4.86
CA LEU C 29 -15.85 4.06 4.13
C LEU C 29 -17.24 4.58 3.77
N VAL C 30 -17.32 5.84 3.38
CA VAL C 30 -18.59 6.44 2.97
C VAL C 30 -18.27 7.40 1.85
N ASP C 31 -18.77 7.10 0.65
CA ASP C 31 -18.50 7.93 -0.51
C ASP C 31 -19.46 9.06 -0.78
N ARG C 32 -20.72 8.90 -0.40
CA ARG C 32 -21.70 9.94 -0.68
C ARG C 32 -22.95 9.81 0.22
N ILE C 33 -23.54 10.94 0.57
CA ILE C 33 -24.76 10.97 1.40
C ILE C 33 -25.93 11.29 0.47
N THR C 34 -26.90 10.39 0.37
CA THR C 34 -28.04 10.63 -0.51
C THR C 34 -29.25 11.23 0.22
N GLU C 35 -29.33 10.99 1.53
CA GLU C 35 -30.44 11.51 2.34
C GLU C 35 -30.02 11.83 3.76
N LEU C 36 -30.48 12.96 4.27
CA LEU C 36 -30.16 13.36 5.63
C LEU C 36 -31.27 14.19 6.26
N GLN C 37 -31.86 13.64 7.32
CA GLN C 37 -32.91 14.30 8.07
C GLN C 37 -32.37 14.48 9.49
N ALA C 38 -32.05 15.71 9.85
CA ALA C 38 -31.52 15.99 11.18
C ALA C 38 -32.30 15.25 12.29
N ASN C 39 -31.55 14.61 13.19
CA ASN C 39 -32.13 13.89 14.33
C ASN C 39 -33.00 12.69 14.01
N GLN C 40 -33.05 12.29 12.75
CA GLN C 40 -33.89 11.15 12.40
C GLN C 40 -33.22 10.04 11.62
N LYS C 41 -32.76 10.32 10.40
CA LYS C 41 -32.13 9.26 9.63
C LYS C 41 -31.14 9.72 8.57
N ILE C 42 -30.35 8.79 8.08
CA ILE C 42 -29.37 9.07 7.06
C ILE C 42 -29.26 7.90 6.09
N VAL C 43 -29.25 8.21 4.80
CA VAL C 43 -29.08 7.17 3.79
C VAL C 43 -27.84 7.58 3.04
N ALA C 44 -26.87 6.68 2.98
CA ALA C 44 -25.61 6.97 2.32
C ALA C 44 -25.11 5.69 1.70
N TYR C 45 -23.94 5.76 1.07
CA TYR C 45 -23.39 4.57 0.47
C TYR C 45 -21.91 4.65 0.13
N LYS C 46 -21.33 3.48 -0.10
CA LYS C 46 -19.94 3.34 -0.44
C LYS C 46 -19.87 2.32 -1.56
N ASN C 47 -19.20 2.68 -2.66
CA ASN C 47 -19.05 1.73 -3.75
C ASN C 47 -18.02 0.68 -3.36
N ILE C 48 -18.24 -0.54 -3.83
CA ILE C 48 -17.35 -1.65 -3.56
C ILE C 48 -16.70 -2.03 -4.89
N THR C 49 -15.38 -1.84 -4.96
CA THR C 49 -14.62 -2.13 -6.17
C THR C 49 -13.49 -3.11 -5.83
N PHE C 50 -13.07 -3.91 -6.80
CA PHE C 50 -12.00 -4.87 -6.55
C PHE C 50 -10.69 -4.13 -6.25
N ASN C 51 -10.55 -2.95 -6.84
CA ASN C 51 -9.34 -2.15 -6.68
C ASN C 51 -9.15 -1.57 -5.27
N GLU C 52 -9.52 -2.33 -4.25
CA GLU C 52 -9.35 -1.90 -2.86
C GLU C 52 -8.35 -2.85 -2.22
N ASP C 53 -7.44 -2.32 -1.41
CA ASP C 53 -6.40 -3.15 -0.79
C ASP C 53 -6.90 -4.30 0.09
N VAL C 54 -7.95 -4.08 0.87
CA VAL C 54 -8.48 -5.16 1.72
C VAL C 54 -8.77 -6.43 0.95
N PHE C 55 -9.09 -6.31 -0.34
CA PHE C 55 -9.39 -7.49 -1.12
C PHE C 55 -8.16 -8.35 -1.40
N ASN C 56 -6.96 -7.80 -1.20
CA ASN C 56 -5.74 -8.59 -1.39
C ASN C 56 -5.73 -9.73 -0.38
N GLY C 57 -6.30 -9.49 0.80
CA GLY C 57 -6.31 -10.52 1.82
C GLY C 57 -7.66 -11.04 2.28
N HIS C 58 -8.75 -10.61 1.67
CA HIS C 58 -10.08 -11.05 2.11
C HIS C 58 -11.07 -11.26 0.97
N PHE C 59 -10.94 -12.36 0.24
CA PHE C 59 -9.91 -13.38 0.45
C PHE C 59 -9.23 -13.64 -0.89
N PRO C 60 -8.02 -14.21 -0.87
CA PRO C 60 -7.35 -14.47 -2.16
C PRO C 60 -8.29 -15.28 -3.07
N ASN C 61 -8.49 -14.78 -4.29
CA ASN C 61 -9.36 -15.42 -5.29
C ASN C 61 -10.84 -15.50 -4.87
N LYS C 62 -11.18 -14.83 -3.78
CA LYS C 62 -12.56 -14.82 -3.32
C LYS C 62 -12.84 -13.48 -2.61
N PRO C 63 -12.92 -12.38 -3.39
CA PRO C 63 -13.16 -11.03 -2.87
C PRO C 63 -14.49 -10.86 -2.18
N ILE C 64 -14.44 -10.67 -0.86
CA ILE C 64 -15.63 -10.48 -0.06
C ILE C 64 -15.38 -9.34 0.90
N PHE C 65 -16.15 -8.26 0.76
CA PHE C 65 -15.99 -7.10 1.62
C PHE C 65 -16.25 -7.56 3.05
N PRO C 66 -15.30 -7.30 3.96
CA PRO C 66 -15.38 -7.68 5.38
C PRO C 66 -16.63 -7.19 6.11
N GLY C 67 -17.30 -8.12 6.78
CA GLY C 67 -18.50 -7.79 7.54
C GLY C 67 -18.25 -6.70 8.57
N VAL C 68 -17.09 -6.72 9.21
CA VAL C 68 -16.78 -5.70 10.22
C VAL C 68 -16.63 -4.32 9.60
N LEU C 69 -16.29 -4.27 8.31
CA LEU C 69 -16.13 -2.99 7.65
C LEU C 69 -17.49 -2.45 7.18
N ILE C 70 -18.48 -3.34 7.05
CA ILE C 70 -19.82 -2.90 6.68
C ILE C 70 -20.35 -2.16 7.91
N VAL C 71 -20.10 -2.73 9.08
CA VAL C 71 -20.54 -2.13 10.32
C VAL C 71 -19.82 -0.81 10.55
N GLU C 72 -18.55 -0.73 10.13
CA GLU C 72 -17.78 0.50 10.29
C GLU C 72 -18.38 1.60 9.43
N GLY C 73 -18.77 1.23 8.22
CA GLY C 73 -19.36 2.19 7.30
C GLY C 73 -20.67 2.69 7.88
N MET C 74 -21.38 1.79 8.55
CA MET C 74 -22.64 2.15 9.18
C MET C 74 -22.38 3.10 10.34
N ALA C 75 -21.36 2.79 11.14
CA ALA C 75 -21.01 3.64 12.28
C ALA C 75 -20.62 5.02 11.79
N GLN C 76 -19.85 5.06 10.72
CA GLN C 76 -19.43 6.32 10.14
C GLN C 76 -20.66 7.13 9.73
N SER C 77 -21.60 6.47 9.08
CA SER C 77 -22.82 7.13 8.65
C SER C 77 -23.57 7.68 9.87
N GLY C 78 -23.65 6.89 10.93
CA GLY C 78 -24.31 7.35 12.14
C GLY C 78 -23.59 8.57 12.68
N GLY C 79 -22.26 8.52 12.67
CA GLY C 79 -21.48 9.62 13.17
C GLY C 79 -21.70 10.91 12.39
N PHE C 80 -21.84 10.80 11.09
CA PHE C 80 -22.08 11.99 10.28
C PHE C 80 -23.47 12.55 10.61
N LEU C 81 -24.42 11.64 10.83
CA LEU C 81 -25.79 12.03 11.14
C LEU C 81 -25.81 12.80 12.46
N ALA C 82 -25.23 12.21 13.49
CA ALA C 82 -25.17 12.84 14.79
C ALA C 82 -24.56 14.24 14.69
N PHE C 83 -23.33 14.31 14.17
CA PHE C 83 -22.64 15.59 14.05
C PHE C 83 -23.43 16.68 13.33
N THR C 84 -23.93 16.38 12.13
CA THR C 84 -24.68 17.36 11.36
C THR C 84 -25.96 17.75 12.10
N SER C 85 -26.52 16.84 12.88
CA SER C 85 -27.74 17.13 13.63
C SER C 85 -27.51 18.23 14.68
N LEU C 86 -26.32 18.23 15.26
CA LEU C 86 -25.95 19.18 16.30
C LEU C 86 -25.41 20.52 15.83
N TRP C 87 -24.62 20.49 14.76
CA TRP C 87 -23.99 21.70 14.25
C TRP C 87 -24.13 21.92 12.75
N GLY C 88 -24.80 21.00 12.07
CA GLY C 88 -24.96 21.13 10.63
C GLY C 88 -23.64 20.90 9.93
N PHE C 89 -23.51 21.39 8.69
CA PHE C 89 -22.27 21.23 7.95
C PHE C 89 -21.28 22.31 8.39
N ASP C 90 -20.50 22.02 9.42
CA ASP C 90 -19.53 22.98 9.95
C ASP C 90 -18.13 22.37 10.08
N PRO C 91 -17.31 22.52 9.03
CA PRO C 91 -15.93 21.98 9.02
C PRO C 91 -15.09 22.42 10.21
N GLU C 92 -15.18 23.70 10.58
CA GLU C 92 -14.43 24.25 11.70
C GLU C 92 -14.73 23.49 12.99
N ILE C 93 -16.01 23.38 13.33
CA ILE C 93 -16.40 22.67 14.54
C ILE C 93 -16.08 21.18 14.43
N ALA C 94 -16.16 20.63 13.23
CA ALA C 94 -15.89 19.20 13.02
C ALA C 94 -14.49 18.85 13.52
N LYS C 95 -13.53 19.73 13.25
CA LYS C 95 -12.14 19.55 13.67
C LYS C 95 -11.95 19.50 15.18
N THR C 96 -12.97 19.92 15.93
CA THR C 96 -12.87 19.92 17.39
C THR C 96 -13.67 18.81 18.09
N LYS C 97 -14.33 17.96 17.31
CA LYS C 97 -15.15 16.89 17.88
C LYS C 97 -14.67 15.48 17.55
N ILE C 98 -15.12 14.52 18.34
CA ILE C 98 -14.80 13.12 18.10
C ILE C 98 -16.01 12.30 18.54
N VAL C 99 -16.34 11.29 17.77
CA VAL C 99 -17.46 10.41 18.08
C VAL C 99 -16.90 9.07 18.50
N TYR C 100 -16.90 8.78 19.80
CA TYR C 100 -16.40 7.49 20.30
C TYR C 100 -17.52 6.48 20.10
N PHE C 101 -17.21 5.30 19.60
CA PHE C 101 -18.25 4.29 19.48
C PHE C 101 -18.05 3.34 20.66
N MET C 102 -19.05 3.32 21.52
CA MET C 102 -19.03 2.51 22.74
C MET C 102 -19.48 1.06 22.57
N THR C 103 -20.57 0.85 21.86
CA THR C 103 -21.07 -0.52 21.68
C THR C 103 -21.65 -0.80 20.29
N ILE C 104 -21.77 -2.10 20.01
CA ILE C 104 -22.33 -2.60 18.76
C ILE C 104 -23.15 -3.81 19.15
N ASP C 105 -24.38 -3.91 18.64
CA ASP C 105 -25.26 -5.01 18.98
C ASP C 105 -26.13 -5.46 17.84
N LYS C 106 -26.77 -6.61 18.04
CA LYS C 106 -27.68 -7.20 17.06
C LYS C 106 -27.18 -7.16 15.63
N VAL C 107 -25.92 -7.52 15.43
CA VAL C 107 -25.41 -7.52 14.08
C VAL C 107 -25.69 -8.86 13.44
N LYS C 108 -26.28 -8.83 12.26
CA LYS C 108 -26.57 -10.05 11.52
C LYS C 108 -26.20 -9.79 10.08
N PHE C 109 -25.49 -10.72 9.45
CA PHE C 109 -25.10 -10.58 8.06
C PHE C 109 -25.89 -11.61 7.29
N ARG C 110 -26.67 -11.17 6.31
CA ARG C 110 -27.49 -12.08 5.53
C ARG C 110 -26.93 -12.41 4.14
N ILE C 111 -26.27 -11.45 3.49
CA ILE C 111 -25.71 -11.66 2.15
C ILE C 111 -24.30 -11.08 2.02
N PRO C 112 -23.36 -11.84 1.42
CA PRO C 112 -22.00 -11.34 1.27
C PRO C 112 -21.97 -10.13 0.33
N VAL C 113 -21.04 -9.21 0.59
CA VAL C 113 -20.88 -8.01 -0.22
C VAL C 113 -19.62 -8.22 -1.07
N THR C 114 -19.65 -7.81 -2.34
CA THR C 114 -18.52 -8.04 -3.22
C THR C 114 -18.27 -6.92 -4.23
N PRO C 115 -17.11 -6.94 -4.92
CA PRO C 115 -16.80 -5.93 -5.91
C PRO C 115 -17.95 -5.78 -6.93
N GLY C 116 -18.38 -4.54 -7.15
CA GLY C 116 -19.46 -4.29 -8.07
C GLY C 116 -20.73 -3.88 -7.34
N ASP C 117 -20.75 -4.11 -6.03
CA ASP C 117 -21.90 -3.77 -5.20
C ASP C 117 -21.89 -2.32 -4.76
N ARG C 118 -23.08 -1.76 -4.60
CA ARG C 118 -23.28 -0.40 -4.12
C ARG C 118 -23.82 -0.61 -2.70
N LEU C 119 -22.93 -0.54 -1.72
CA LEU C 119 -23.30 -0.76 -0.32
C LEU C 119 -23.99 0.47 0.27
N GLU C 120 -25.31 0.38 0.42
CA GLU C 120 -26.12 1.49 0.94
C GLU C 120 -26.45 1.37 2.42
N TYR C 121 -26.00 2.34 3.21
CA TYR C 121 -26.26 2.33 4.65
C TYR C 121 -27.56 3.05 4.98
N HIS C 122 -28.39 2.42 5.80
CA HIS C 122 -29.65 3.03 6.23
C HIS C 122 -29.68 3.08 7.74
N LEU C 123 -29.46 4.26 8.31
CA LEU C 123 -29.47 4.41 9.76
C LEU C 123 -30.45 5.47 10.25
N GLU C 124 -31.01 5.22 11.43
CA GLU C 124 -31.97 6.14 12.05
C GLU C 124 -31.59 6.28 13.52
N VAL C 125 -31.95 7.41 14.12
CA VAL C 125 -31.64 7.64 15.53
C VAL C 125 -32.60 6.81 16.37
N LEU C 126 -32.06 5.98 17.25
CA LEU C 126 -32.89 5.13 18.10
C LEU C 126 -33.11 5.80 19.45
N LYS C 127 -32.15 6.62 19.86
CA LYS C 127 -32.23 7.29 21.15
C LYS C 127 -31.08 8.30 21.20
N HIS C 128 -31.33 9.43 21.84
CA HIS C 128 -30.32 10.46 21.99
C HIS C 128 -30.51 11.16 23.33
N LYS C 129 -29.60 10.88 24.26
CA LYS C 129 -29.65 11.48 25.58
C LYS C 129 -28.31 12.14 25.90
N GLY C 130 -28.27 13.46 25.77
CA GLY C 130 -27.04 14.17 26.05
C GLY C 130 -25.99 13.96 24.99
N MET C 131 -24.84 13.45 25.40
CA MET C 131 -23.74 13.21 24.45
C MET C 131 -23.82 11.81 23.83
N ILE C 132 -24.76 11.00 24.32
CA ILE C 132 -24.94 9.63 23.85
C ILE C 132 -25.96 9.49 22.72
N TRP C 133 -25.55 8.84 21.64
CA TRP C 133 -26.43 8.62 20.50
C TRP C 133 -26.51 7.13 20.19
N GLN C 134 -27.73 6.60 20.10
CA GLN C 134 -27.92 5.19 19.75
C GLN C 134 -28.55 5.13 18.38
N VAL C 135 -27.85 4.53 17.43
CA VAL C 135 -28.32 4.43 16.07
C VAL C 135 -28.47 2.99 15.61
N GLY C 136 -29.35 2.77 14.65
CA GLY C 136 -29.54 1.42 14.17
C GLY C 136 -30.12 1.41 12.77
N GLY C 137 -29.93 0.31 12.07
CA GLY C 137 -30.46 0.23 10.73
C GLY C 137 -29.88 -0.94 9.96
N THR C 138 -29.74 -0.74 8.66
CA THR C 138 -29.23 -1.80 7.82
C THR C 138 -28.31 -1.30 6.72
N ALA C 139 -27.71 -2.27 6.03
CA ALA C 139 -26.84 -2.03 4.90
C ALA C 139 -27.60 -2.79 3.82
N GLN C 140 -27.72 -2.19 2.63
CA GLN C 140 -28.46 -2.84 1.56
C GLN C 140 -27.73 -2.78 0.22
N VAL C 141 -27.99 -3.76 -0.63
CA VAL C 141 -27.40 -3.82 -1.95
C VAL C 141 -28.53 -4.11 -2.92
N ASP C 142 -28.90 -3.10 -3.70
CA ASP C 142 -29.98 -3.26 -4.67
C ASP C 142 -31.33 -3.60 -4.01
N GLY C 143 -31.66 -2.92 -2.91
CA GLY C 143 -32.92 -3.17 -2.24
C GLY C 143 -32.99 -4.29 -1.21
N LYS C 144 -32.04 -5.22 -1.23
CA LYS C 144 -32.06 -6.31 -0.25
C LYS C 144 -31.21 -6.02 0.98
N VAL C 145 -31.72 -6.39 2.16
CA VAL C 145 -30.97 -6.21 3.40
C VAL C 145 -29.80 -7.18 3.41
N VAL C 146 -28.60 -6.64 3.49
CA VAL C 146 -27.38 -7.44 3.50
C VAL C 146 -26.81 -7.58 4.92
N ALA C 147 -27.21 -6.67 5.79
CA ALA C 147 -26.76 -6.69 7.18
C ALA C 147 -27.56 -5.70 8.00
N GLU C 148 -27.50 -5.87 9.31
CA GLU C 148 -28.19 -4.96 10.22
C GLU C 148 -27.36 -4.82 11.48
N ALA C 149 -27.51 -3.70 12.17
CA ALA C 149 -26.76 -3.47 13.40
C ALA C 149 -27.23 -2.28 14.18
N GLU C 150 -26.93 -2.28 15.47
CA GLU C 150 -27.26 -1.17 16.36
C GLU C 150 -25.89 -0.69 16.82
N LEU C 151 -25.79 0.59 17.14
CA LEU C 151 -24.53 1.17 17.56
C LEU C 151 -24.77 2.30 18.54
N LYS C 152 -23.90 2.43 19.53
CA LYS C 152 -24.03 3.51 20.49
C LYS C 152 -22.72 4.27 20.46
N ALA C 153 -22.83 5.58 20.37
CA ALA C 153 -21.66 6.43 20.30
C ALA C 153 -21.78 7.60 21.26
N MET C 154 -20.64 8.16 21.63
CA MET C 154 -20.60 9.31 22.52
C MET C 154 -19.88 10.43 21.78
N ILE C 155 -20.35 11.66 21.97
CA ILE C 155 -19.74 12.81 21.33
C ILE C 155 -18.94 13.60 22.37
N ALA C 156 -17.71 13.94 22.01
CA ALA C 156 -16.84 14.68 22.92
C ALA C 156 -15.92 15.63 22.17
N GLU C 157 -15.01 16.24 22.92
CA GLU C 157 -14.04 17.19 22.39
C GLU C 157 -12.76 16.49 21.94
N ARG C 158 -12.21 16.91 20.81
CA ARG C 158 -10.99 16.29 20.28
C ARG C 158 -9.74 16.81 20.97
N GLN D 9 -1.49 -29.38 18.80
CA GLN D 9 -0.64 -28.86 19.92
C GLN D 9 -1.33 -27.69 20.62
N SER D 10 -0.55 -26.85 21.32
CA SER D 10 -1.13 -25.72 22.04
C SER D 10 -0.56 -24.33 21.67
N GLN D 11 0.51 -24.29 20.89
CA GLN D 11 1.07 -23.00 20.47
C GLN D 11 1.43 -23.00 18.98
N PHE D 12 0.93 -22.00 18.26
CA PHE D 12 1.19 -21.90 16.83
C PHE D 12 1.71 -20.54 16.45
N PHE D 13 2.70 -20.52 15.57
CA PHE D 13 3.27 -19.28 15.15
C PHE D 13 2.72 -18.85 13.80
N ILE D 14 3.09 -17.65 13.36
CA ILE D 14 2.59 -17.10 12.11
C ILE D 14 2.64 -18.10 10.95
N GLU D 15 3.67 -18.94 10.89
CA GLU D 15 3.76 -19.89 9.80
C GLU D 15 2.69 -20.98 9.88
N HIS D 16 2.21 -21.28 11.09
CA HIS D 16 1.17 -22.27 11.26
C HIS D 16 -0.18 -21.61 10.98
N ILE D 17 -0.36 -20.38 11.47
CA ILE D 17 -1.60 -19.66 11.25
C ILE D 17 -1.86 -19.45 9.75
N LEU D 18 -0.78 -19.26 9.00
CA LEU D 18 -0.85 -19.07 7.55
C LEU D 18 -1.41 -20.33 6.86
N GLN D 19 -1.06 -21.49 7.39
CA GLN D 19 -1.49 -22.75 6.81
C GLN D 19 -2.93 -23.14 7.18
N ILE D 20 -3.52 -22.39 8.10
CA ILE D 20 -4.88 -22.67 8.53
C ILE D 20 -5.91 -21.62 8.12
N LEU D 21 -5.65 -20.36 8.45
CA LEU D 21 -6.59 -19.30 8.10
C LEU D 21 -6.42 -18.84 6.65
N PRO D 22 -7.54 -18.53 5.98
CA PRO D 22 -7.52 -18.08 4.58
C PRO D 22 -7.14 -16.61 4.46
N HIS D 23 -7.23 -15.88 5.57
CA HIS D 23 -6.91 -14.46 5.59
C HIS D 23 -5.45 -14.18 5.27
N ARG D 24 -5.24 -13.14 4.46
CA ARG D 24 -3.91 -12.68 4.10
C ARG D 24 -3.86 -11.15 4.27
N TYR D 25 -2.70 -10.55 4.03
CA TYR D 25 -2.54 -9.11 4.16
C TYR D 25 -3.51 -8.36 3.24
N PRO D 26 -4.14 -7.29 3.74
CA PRO D 26 -4.01 -6.72 5.08
C PRO D 26 -5.19 -7.06 5.99
N MET D 27 -5.58 -8.34 6.02
CA MET D 27 -6.70 -8.75 6.85
C MET D 27 -6.45 -9.96 7.75
N LEU D 28 -5.19 -10.35 7.91
CA LEU D 28 -4.84 -11.46 8.78
C LEU D 28 -4.41 -10.73 10.04
N LEU D 29 -5.30 -10.69 11.03
CA LEU D 29 -5.04 -9.95 12.25
C LEU D 29 -4.76 -10.77 13.50
N VAL D 30 -4.03 -11.87 13.33
CA VAL D 30 -3.65 -12.72 14.45
C VAL D 30 -2.21 -13.10 14.15
N ASP D 31 -1.32 -12.92 15.11
CA ASP D 31 0.08 -13.23 14.89
C ASP D 31 0.60 -14.50 15.53
N ARG D 32 0.08 -14.83 16.70
CA ARG D 32 0.55 -16.01 17.41
C ARG D 32 -0.55 -16.58 18.30
N ILE D 33 -0.55 -17.89 18.47
CA ILE D 33 -1.53 -18.55 19.34
C ILE D 33 -0.74 -19.01 20.55
N THR D 34 -1.17 -18.64 21.75
CA THR D 34 -0.43 -19.05 22.94
C THR D 34 -1.06 -20.22 23.69
N GLU D 35 -2.38 -20.36 23.56
CA GLU D 35 -3.09 -21.41 24.27
C GLU D 35 -4.30 -21.84 23.46
N LEU D 36 -4.52 -23.15 23.38
CA LEU D 36 -5.64 -23.67 22.62
C LEU D 36 -6.18 -24.98 23.20
N GLN D 37 -7.48 -25.01 23.48
CA GLN D 37 -8.16 -26.19 24.02
C GLN D 37 -9.26 -26.59 23.06
N ALA D 38 -9.08 -27.71 22.37
CA ALA D 38 -10.08 -28.16 21.40
C ALA D 38 -11.52 -28.03 21.92
N ASN D 39 -12.34 -27.34 21.13
CA ASN D 39 -13.76 -27.12 21.42
C ASN D 39 -14.08 -26.31 22.68
N GLN D 40 -13.08 -25.65 23.27
CA GLN D 40 -13.34 -24.90 24.49
C GLN D 40 -12.88 -23.46 24.49
N LYS D 41 -11.60 -23.24 24.24
CA LYS D 41 -11.09 -21.87 24.27
C LYS D 41 -9.78 -21.68 23.54
N ILE D 42 -9.41 -20.42 23.38
CA ILE D 42 -8.16 -20.09 22.71
C ILE D 42 -7.70 -18.71 23.15
N VAL D 43 -6.39 -18.56 23.30
CA VAL D 43 -5.79 -17.29 23.65
C VAL D 43 -4.74 -17.05 22.57
N ALA D 44 -4.86 -15.91 21.90
CA ALA D 44 -3.94 -15.56 20.83
C ALA D 44 -3.68 -14.08 20.92
N TYR D 45 -2.94 -13.54 19.98
CA TYR D 45 -2.69 -12.10 20.00
C TYR D 45 -2.13 -11.57 18.71
N LYS D 46 -2.29 -10.26 18.54
CA LYS D 46 -1.79 -9.55 17.39
C LYS D 46 -1.01 -8.34 17.89
N ASN D 47 0.23 -8.19 17.44
CA ASN D 47 1.01 -7.02 17.86
C ASN D 47 0.49 -5.78 17.13
N ILE D 48 0.46 -4.65 17.84
CA ILE D 48 0.01 -3.40 17.24
C ILE D 48 1.22 -2.50 17.04
N THR D 49 1.48 -2.12 15.79
CA THR D 49 2.60 -1.25 15.48
C THR D 49 2.14 -0.07 14.63
N PHE D 50 2.88 1.04 14.71
CA PHE D 50 2.53 2.20 13.92
C PHE D 50 2.74 1.88 12.44
N ASN D 51 3.60 0.90 12.17
CA ASN D 51 3.91 0.52 10.80
C ASN D 51 2.83 -0.28 10.08
N GLU D 52 1.58 0.09 10.28
CA GLU D 52 0.45 -0.57 9.65
C GLU D 52 -0.34 0.45 8.83
N ASP D 53 -0.63 0.10 7.59
CA ASP D 53 -1.34 0.99 6.67
C ASP D 53 -2.64 1.58 7.24
N VAL D 54 -3.39 0.78 7.99
CA VAL D 54 -4.64 1.23 8.58
C VAL D 54 -4.50 2.51 9.39
N PHE D 55 -3.32 2.74 9.97
CA PHE D 55 -3.11 3.94 10.76
C PHE D 55 -2.97 5.24 9.96
N ASN D 56 -2.78 5.13 8.64
CA ASN D 56 -2.70 6.32 7.80
C ASN D 56 -4.05 7.05 7.83
N GLY D 57 -5.14 6.29 7.99
CA GLY D 57 -6.44 6.91 8.02
C GLY D 57 -7.25 6.79 9.30
N HIS D 58 -6.66 6.25 10.36
CA HIS D 58 -7.41 6.07 11.60
C HIS D 58 -6.61 6.31 12.89
N PHE D 59 -6.22 7.55 13.19
CA PHE D 59 -6.50 8.73 12.37
C PHE D 59 -5.20 9.49 12.23
N PRO D 60 -5.13 10.44 11.27
CA PRO D 60 -3.92 11.24 11.07
C PRO D 60 -3.50 11.93 12.36
N ASN D 61 -2.25 11.72 12.76
CA ASN D 61 -1.67 12.30 13.98
C ASN D 61 -2.32 11.80 15.25
N LYS D 62 -3.04 10.68 15.17
CA LYS D 62 -3.72 10.11 16.33
C LYS D 62 -4.06 8.65 16.01
N PRO D 63 -3.03 7.77 16.01
CA PRO D 63 -3.19 6.34 15.71
C PRO D 63 -3.98 5.53 16.73
N ILE D 64 -5.12 5.02 16.30
CA ILE D 64 -5.96 4.20 17.14
C ILE D 64 -6.41 3.01 16.31
N PHE D 65 -6.21 1.80 16.85
CA PHE D 65 -6.59 0.59 16.15
C PHE D 65 -8.12 0.49 16.15
N PRO D 66 -8.72 0.41 14.95
CA PRO D 66 -10.19 0.32 14.77
C PRO D 66 -10.85 -0.77 15.59
N GLY D 67 -11.89 -0.38 16.32
CA GLY D 67 -12.61 -1.32 17.15
C GLY D 67 -13.15 -2.51 16.37
N VAL D 68 -13.67 -2.26 15.18
CA VAL D 68 -14.21 -3.34 14.35
C VAL D 68 -13.12 -4.33 13.97
N LEU D 69 -11.88 -3.87 13.87
CA LEU D 69 -10.78 -4.76 13.52
C LEU D 69 -10.40 -5.59 14.74
N ILE D 70 -10.64 -5.07 15.94
CA ILE D 70 -10.37 -5.83 17.16
C ILE D 70 -11.32 -7.04 17.18
N VAL D 71 -12.58 -6.81 16.79
CA VAL D 71 -13.57 -7.88 16.76
C VAL D 71 -13.19 -8.89 15.69
N GLU D 72 -12.78 -8.38 14.53
CA GLU D 72 -12.35 -9.22 13.43
C GLU D 72 -11.25 -10.16 13.93
N GLY D 73 -10.33 -9.61 14.71
CA GLY D 73 -9.24 -10.40 15.25
C GLY D 73 -9.75 -11.52 16.14
N MET D 74 -10.73 -11.21 16.97
CA MET D 74 -11.33 -12.19 17.87
C MET D 74 -11.99 -13.27 17.00
N ALA D 75 -12.64 -12.85 15.94
CA ALA D 75 -13.30 -13.78 15.03
C ALA D 75 -12.30 -14.75 14.41
N GLN D 76 -11.14 -14.24 14.02
CA GLN D 76 -10.10 -15.06 13.40
C GLN D 76 -9.57 -16.09 14.39
N SER D 77 -9.43 -15.69 15.65
CA SER D 77 -8.94 -16.61 16.67
C SER D 77 -9.97 -17.71 16.82
N GLY D 78 -11.24 -17.31 16.87
CA GLY D 78 -12.31 -18.28 16.99
C GLY D 78 -12.26 -19.24 15.82
N GLY D 79 -12.12 -18.69 14.61
CA GLY D 79 -12.07 -19.53 13.43
C GLY D 79 -10.93 -20.53 13.48
N PHE D 80 -9.79 -20.10 14.02
CA PHE D 80 -8.64 -20.98 14.13
C PHE D 80 -8.92 -22.12 15.10
N LEU D 81 -9.65 -21.80 16.17
CA LEU D 81 -10.00 -22.78 17.19
C LEU D 81 -10.97 -23.78 16.58
N ALA D 82 -12.01 -23.26 15.93
CA ALA D 82 -13.03 -24.06 15.28
C ALA D 82 -12.44 -25.08 14.33
N PHE D 83 -11.63 -24.62 13.38
CA PHE D 83 -11.05 -25.51 12.40
C PHE D 83 -10.18 -26.61 13.00
N THR D 84 -9.16 -26.24 13.76
CA THR D 84 -8.28 -27.24 14.36
C THR D 84 -9.07 -28.14 15.31
N SER D 85 -10.21 -27.67 15.78
CA SER D 85 -11.05 -28.46 16.68
C SER D 85 -11.64 -29.64 15.93
N LEU D 86 -12.06 -29.39 14.70
CA LEU D 86 -12.68 -30.40 13.87
C LEU D 86 -11.74 -31.16 12.91
N TRP D 87 -10.58 -30.59 12.60
CA TRP D 87 -9.64 -31.24 11.68
C TRP D 87 -8.19 -31.27 12.15
N GLY D 88 -7.90 -30.62 13.27
CA GLY D 88 -6.53 -30.59 13.75
C GLY D 88 -5.72 -29.71 12.82
N PHE D 89 -4.39 -29.80 12.88
CA PHE D 89 -3.56 -28.99 11.99
C PHE D 89 -3.54 -29.68 10.62
N ASP D 90 -4.51 -29.32 9.77
CA ASP D 90 -4.63 -29.91 8.43
C ASP D 90 -4.66 -28.83 7.35
N PRO D 91 -3.47 -28.45 6.84
CA PRO D 91 -3.35 -27.43 5.79
C PRO D 91 -4.06 -27.81 4.49
N GLU D 92 -4.10 -29.10 4.19
CA GLU D 92 -4.75 -29.53 2.95
C GLU D 92 -6.24 -29.26 2.99
N ILE D 93 -6.88 -29.60 4.10
CA ILE D 93 -8.32 -29.35 4.22
C ILE D 93 -8.58 -27.89 4.51
N ALA D 94 -7.60 -27.21 5.11
CA ALA D 94 -7.76 -25.81 5.44
C ALA D 94 -7.92 -24.92 4.22
N LYS D 95 -7.23 -25.25 3.13
CA LYS D 95 -7.32 -24.42 1.94
C LYS D 95 -8.59 -24.62 1.12
N THR D 96 -9.45 -25.54 1.56
CA THR D 96 -10.71 -25.76 0.87
C THR D 96 -11.86 -25.10 1.65
N LYS D 97 -11.53 -24.03 2.38
CA LYS D 97 -12.55 -23.36 3.19
C LYS D 97 -12.25 -21.92 3.56
N ILE D 98 -13.32 -21.20 3.92
CA ILE D 98 -13.20 -19.82 4.38
C ILE D 98 -14.19 -19.73 5.54
N VAL D 99 -14.26 -18.56 6.16
CA VAL D 99 -15.18 -18.40 7.28
C VAL D 99 -16.07 -17.21 7.01
N TYR D 100 -17.34 -17.34 7.40
CA TYR D 100 -18.29 -16.26 7.19
C TYR D 100 -18.82 -15.77 8.54
N PHE D 101 -18.81 -14.46 8.71
CA PHE D 101 -19.33 -13.84 9.92
C PHE D 101 -20.84 -13.97 9.81
N MET D 102 -21.50 -14.45 10.85
CA MET D 102 -22.95 -14.58 10.83
C MET D 102 -23.62 -13.52 11.71
N THR D 103 -23.10 -13.36 12.92
CA THR D 103 -23.64 -12.37 13.84
C THR D 103 -22.57 -11.86 14.80
N ILE D 104 -22.83 -10.70 15.37
CA ILE D 104 -21.96 -10.09 16.37
C ILE D 104 -22.94 -9.49 17.37
N ASP D 105 -22.64 -9.63 18.66
CA ASP D 105 -23.50 -9.11 19.71
C ASP D 105 -22.71 -8.72 20.96
N LYS D 106 -23.32 -7.88 21.78
CA LYS D 106 -22.73 -7.46 23.03
C LYS D 106 -21.28 -6.99 22.93
N VAL D 107 -20.96 -6.14 21.96
CA VAL D 107 -19.57 -5.67 21.90
C VAL D 107 -19.44 -4.35 22.64
N LYS D 108 -18.46 -4.29 23.53
CA LYS D 108 -18.17 -3.09 24.31
C LYS D 108 -16.74 -2.67 24.03
N PHE D 109 -16.52 -1.39 23.79
CA PHE D 109 -15.15 -0.89 23.56
C PHE D 109 -14.81 -0.05 24.79
N ARG D 110 -13.98 -0.58 25.67
CA ARG D 110 -13.64 0.12 26.90
C ARG D 110 -12.36 0.94 26.88
N ILE D 111 -11.34 0.46 26.18
CA ILE D 111 -10.06 1.15 26.15
C ILE D 111 -9.48 1.20 24.74
N PRO D 112 -9.02 2.39 24.30
CA PRO D 112 -8.44 2.52 22.96
C PRO D 112 -7.12 1.73 22.86
N VAL D 113 -6.91 1.08 21.72
CA VAL D 113 -5.70 0.30 21.46
C VAL D 113 -4.80 1.12 20.52
N THR D 114 -3.52 1.21 20.87
CA THR D 114 -2.58 2.01 20.10
C THR D 114 -1.25 1.30 19.83
N PRO D 115 -0.44 1.85 18.92
CA PRO D 115 0.86 1.26 18.59
C PRO D 115 1.66 0.99 19.86
N GLY D 116 2.27 -0.18 19.93
CA GLY D 116 3.04 -0.55 21.10
C GLY D 116 2.25 -1.51 21.97
N ASP D 117 0.98 -1.67 21.65
CA ASP D 117 0.09 -2.57 22.37
C ASP D 117 0.14 -3.99 21.86
N ARG D 118 0.06 -4.93 22.79
CA ARG D 118 0.01 -6.35 22.47
C ARG D 118 -1.47 -6.70 22.65
N LEU D 119 -2.22 -6.73 21.56
CA LEU D 119 -3.66 -7.04 21.62
C LEU D 119 -3.90 -8.54 21.79
N GLU D 120 -4.30 -8.93 23.00
CA GLU D 120 -4.53 -10.32 23.33
C GLU D 120 -6.00 -10.73 23.20
N TYR D 121 -6.24 -11.81 22.45
CA TYR D 121 -7.59 -12.33 22.22
C TYR D 121 -7.91 -13.53 23.13
N HIS D 122 -8.99 -13.41 23.90
CA HIS D 122 -9.44 -14.47 24.80
C HIS D 122 -10.85 -14.91 24.38
N LEU D 123 -10.95 -16.12 23.83
CA LEU D 123 -12.23 -16.64 23.38
C LEU D 123 -12.56 -18.04 23.88
N GLU D 124 -13.83 -18.25 24.19
CA GLU D 124 -14.31 -19.54 24.64
C GLU D 124 -15.49 -19.94 23.78
N VAL D 125 -15.68 -21.24 23.59
CA VAL D 125 -16.80 -21.72 22.78
C VAL D 125 -18.08 -21.72 23.60
N LEU D 126 -19.07 -20.96 23.13
CA LEU D 126 -20.37 -20.86 23.79
C LEU D 126 -21.24 -22.02 23.29
N LYS D 127 -21.29 -22.17 21.97
CA LYS D 127 -22.05 -23.24 21.32
C LYS D 127 -21.35 -23.56 20.02
N HIS D 128 -21.54 -24.79 19.54
CA HIS D 128 -20.94 -25.20 18.28
C HIS D 128 -21.60 -26.48 17.78
N LYS D 129 -21.83 -26.54 16.48
CA LYS D 129 -22.43 -27.71 15.85
C LYS D 129 -22.19 -27.63 14.36
N GLY D 130 -21.47 -28.62 13.84
CA GLY D 130 -21.16 -28.63 12.44
C GLY D 130 -20.15 -27.55 12.15
N MET D 131 -20.42 -26.76 11.12
CA MET D 131 -19.51 -25.68 10.75
C MET D 131 -19.87 -24.37 11.44
N ILE D 132 -20.92 -24.40 12.25
CA ILE D 132 -21.39 -23.20 12.96
C ILE D 132 -20.86 -23.06 14.39
N TRP D 133 -19.99 -22.09 14.60
CA TRP D 133 -19.41 -21.88 15.92
C TRP D 133 -19.76 -20.54 16.53
N GLN D 134 -20.12 -20.57 17.80
CA GLN D 134 -20.47 -19.36 18.52
C GLN D 134 -19.47 -19.16 19.66
N VAL D 135 -18.70 -18.09 19.57
CA VAL D 135 -17.69 -17.78 20.57
C VAL D 135 -17.91 -16.42 21.22
N GLY D 136 -17.33 -16.24 22.40
CA GLY D 136 -17.47 -14.99 23.11
C GLY D 136 -16.28 -14.77 23.99
N GLY D 137 -15.95 -13.51 24.25
CA GLY D 137 -14.80 -13.25 25.09
C GLY D 137 -14.37 -11.81 25.15
N THR D 138 -13.07 -11.62 25.34
CA THR D 138 -12.50 -10.30 25.44
C THR D 138 -11.20 -10.15 24.66
N ALA D 139 -10.74 -8.92 24.59
CA ALA D 139 -9.48 -8.56 23.96
C ALA D 139 -8.77 -7.83 25.10
N GLN D 140 -7.56 -8.24 25.42
CA GLN D 140 -6.83 -7.65 26.52
C GLN D 140 -5.47 -7.06 26.15
N VAL D 141 -5.08 -6.03 26.90
CA VAL D 141 -3.80 -5.35 26.72
C VAL D 141 -3.24 -5.20 28.12
N ASP D 142 -2.10 -5.83 28.38
CA ASP D 142 -1.49 -5.77 29.70
C ASP D 142 -2.54 -6.15 30.77
N GLY D 143 -3.20 -7.28 30.56
CA GLY D 143 -4.20 -7.76 31.52
C GLY D 143 -5.50 -6.98 31.74
N LYS D 144 -5.72 -5.89 31.00
CA LYS D 144 -6.94 -5.11 31.15
C LYS D 144 -7.87 -5.28 29.96
N VAL D 145 -9.16 -5.46 30.21
CA VAL D 145 -10.11 -5.63 29.14
C VAL D 145 -10.30 -4.33 28.37
N VAL D 146 -9.97 -4.36 27.07
CA VAL D 146 -10.12 -3.18 26.23
C VAL D 146 -11.37 -3.34 25.37
N ALA D 147 -11.93 -4.54 25.36
CA ALA D 147 -13.12 -4.81 24.58
C ALA D 147 -13.70 -6.18 24.86
N GLU D 148 -14.98 -6.35 24.54
CA GLU D 148 -15.69 -7.62 24.74
C GLU D 148 -16.53 -7.83 23.50
N ALA D 149 -16.92 -9.07 23.25
CA ALA D 149 -17.77 -9.38 22.10
C ALA D 149 -18.18 -10.84 22.03
N GLU D 150 -19.24 -11.10 21.27
CA GLU D 150 -19.77 -12.43 21.04
C GLU D 150 -19.99 -12.49 19.55
N LEU D 151 -19.71 -13.63 18.95
CA LEU D 151 -19.93 -13.72 17.52
C LEU D 151 -20.16 -15.15 17.11
N LYS D 152 -20.83 -15.30 15.97
CA LYS D 152 -21.12 -16.62 15.43
C LYS D 152 -20.53 -16.65 14.02
N ALA D 153 -19.75 -17.66 13.73
CA ALA D 153 -19.14 -17.79 12.42
C ALA D 153 -19.44 -19.16 11.84
N MET D 154 -19.29 -19.27 10.53
CA MET D 154 -19.53 -20.52 9.83
C MET D 154 -18.34 -20.81 8.91
N ILE D 155 -17.89 -22.05 8.92
CA ILE D 155 -16.78 -22.45 8.06
C ILE D 155 -17.46 -23.03 6.84
N ALA D 156 -17.11 -22.51 5.67
CA ALA D 156 -17.75 -22.95 4.44
C ALA D 156 -16.80 -23.38 3.32
N GLU D 157 -17.27 -24.32 2.50
CA GLU D 157 -16.54 -24.85 1.36
C GLU D 157 -16.26 -23.71 0.39
N ARG D 158 -14.99 -23.57 0.00
CA ARG D 158 -14.59 -22.51 -0.92
C ARG D 158 -15.37 -22.57 -2.24
N GLU D 159 -15.78 -23.77 -2.65
CA GLU D 159 -16.52 -23.96 -3.90
C GLU D 159 -15.63 -23.75 -5.11
N GLN E 9 -22.70 -16.61 -19.80
CA GLN E 9 -22.31 -16.34 -21.22
C GLN E 9 -22.54 -14.88 -21.59
N SER E 10 -23.39 -14.19 -20.82
CA SER E 10 -23.69 -12.78 -21.11
C SER E 10 -23.36 -11.85 -19.94
N GLN E 11 -23.30 -12.40 -18.73
CA GLN E 11 -22.96 -11.62 -17.54
C GLN E 11 -21.93 -12.36 -16.69
N PHE E 12 -20.88 -11.65 -16.29
CA PHE E 12 -19.82 -12.25 -15.48
C PHE E 12 -19.49 -11.40 -14.28
N PHE E 13 -19.14 -12.06 -13.19
CA PHE E 13 -18.80 -11.35 -11.97
C PHE E 13 -17.30 -11.29 -11.74
N ILE E 14 -16.87 -10.62 -10.68
CA ILE E 14 -15.44 -10.45 -10.42
C ILE E 14 -14.62 -11.74 -10.48
N GLU E 15 -15.20 -12.85 -10.06
CA GLU E 15 -14.50 -14.13 -10.06
C GLU E 15 -14.21 -14.61 -11.49
N HIS E 16 -15.16 -14.41 -12.39
CA HIS E 16 -15.03 -14.81 -13.78
C HIS E 16 -13.99 -13.93 -14.46
N ILE E 17 -13.97 -12.65 -14.08
CA ILE E 17 -13.02 -11.70 -14.64
C ILE E 17 -11.59 -12.07 -14.22
N LEU E 18 -11.44 -12.53 -12.98
CA LEU E 18 -10.13 -12.93 -12.45
C LEU E 18 -9.55 -14.14 -13.18
N GLN E 19 -10.44 -14.98 -13.71
CA GLN E 19 -10.02 -16.18 -14.42
C GLN E 19 -9.71 -15.93 -15.89
N ILE E 20 -10.08 -14.75 -16.39
CA ILE E 20 -9.84 -14.41 -17.78
C ILE E 20 -8.73 -13.38 -17.96
N LEU E 21 -8.91 -12.20 -17.38
CA LEU E 21 -7.92 -11.14 -17.50
C LEU E 21 -6.67 -11.42 -16.66
N PRO E 22 -5.49 -11.04 -17.17
CA PRO E 22 -4.27 -11.28 -16.41
C PRO E 22 -4.01 -10.17 -15.39
N HIS E 23 -4.68 -9.02 -15.58
CA HIS E 23 -4.51 -7.88 -14.68
C HIS E 23 -4.84 -8.22 -13.22
N ARG E 24 -4.16 -7.56 -12.29
CA ARG E 24 -4.38 -7.76 -10.88
C ARG E 24 -4.24 -6.44 -10.14
N TYR E 25 -4.51 -6.45 -8.83
CA TYR E 25 -4.41 -5.24 -8.03
C TYR E 25 -2.98 -4.73 -8.12
N PRO E 26 -2.80 -3.41 -8.29
CA PRO E 26 -3.82 -2.37 -8.40
C PRO E 26 -4.14 -1.95 -9.85
N MET E 27 -4.15 -2.91 -10.77
CA MET E 27 -4.44 -2.61 -12.16
C MET E 27 -5.59 -3.40 -12.80
N LEU E 28 -6.41 -4.03 -11.97
CA LEU E 28 -7.57 -4.75 -12.49
C LEU E 28 -8.71 -3.74 -12.28
N LEU E 29 -9.11 -3.07 -13.36
CA LEU E 29 -10.11 -2.02 -13.28
C LEU E 29 -11.52 -2.31 -13.82
N VAL E 30 -11.94 -3.56 -13.77
CA VAL E 30 -13.27 -3.95 -14.22
C VAL E 30 -13.84 -4.84 -13.12
N ASP E 31 -14.97 -4.43 -12.56
CA ASP E 31 -15.59 -5.18 -11.49
C ASP E 31 -16.67 -6.15 -11.91
N ARG E 32 -17.43 -5.81 -12.95
CA ARG E 32 -18.51 -6.69 -13.39
C ARG E 32 -18.86 -6.49 -14.86
N ILE E 33 -19.32 -7.56 -15.52
CA ILE E 33 -19.70 -7.49 -16.92
C ILE E 33 -21.20 -7.71 -17.00
N THR E 34 -21.94 -6.72 -17.49
CA THR E 34 -23.40 -6.82 -17.56
C THR E 34 -23.97 -7.44 -18.83
N GLU E 35 -23.26 -7.29 -19.95
CA GLU E 35 -23.74 -7.88 -21.19
C GLU E 35 -22.58 -8.08 -22.16
N LEU E 36 -22.62 -9.18 -22.88
CA LEU E 36 -21.54 -9.50 -23.81
C LEU E 36 -22.03 -10.15 -25.10
N GLN E 37 -21.64 -9.57 -26.23
CA GLN E 37 -21.98 -10.10 -27.54
C GLN E 37 -20.65 -10.42 -28.25
N ALA E 38 -20.37 -11.72 -28.38
CA ALA E 38 -19.13 -12.19 -29.01
C ALA E 38 -18.76 -11.51 -30.33
N ASN E 39 -17.52 -11.03 -30.41
CA ASN E 39 -16.99 -10.37 -31.60
C ASN E 39 -17.69 -9.05 -31.92
N GLN E 40 -18.52 -8.57 -31.00
CA GLN E 40 -19.24 -7.33 -31.27
C GLN E 40 -19.16 -6.25 -30.20
N LYS E 41 -19.77 -6.51 -29.06
CA LYS E 41 -19.78 -5.51 -28.00
C LYS E 41 -19.73 -6.12 -26.60
N ILE E 42 -19.48 -5.25 -25.63
CA ILE E 42 -19.44 -5.65 -24.23
C ILE E 42 -19.78 -4.43 -23.39
N VAL E 43 -20.54 -4.64 -22.32
CA VAL E 43 -20.89 -3.56 -21.41
C VAL E 43 -20.42 -4.06 -20.05
N ALA E 44 -19.63 -3.25 -19.37
CA ALA E 44 -19.11 -3.62 -18.05
C ALA E 44 -18.98 -2.36 -17.22
N TYR E 45 -18.59 -2.52 -15.96
CA TYR E 45 -18.42 -1.36 -15.12
C TYR E 45 -17.48 -1.61 -13.95
N LYS E 46 -17.00 -0.51 -13.39
CA LYS E 46 -16.10 -0.54 -12.23
C LYS E 46 -16.62 0.50 -11.24
N ASN E 47 -16.84 0.09 -9.99
CA ASN E 47 -17.29 1.06 -9.01
C ASN E 47 -16.11 1.93 -8.60
N ILE E 48 -16.39 3.21 -8.37
CA ILE E 48 -15.36 4.16 -7.97
C ILE E 48 -15.61 4.53 -6.51
N THR E 49 -14.64 4.25 -5.64
CA THR E 49 -14.78 4.56 -4.23
C THR E 49 -13.61 5.40 -3.77
N PHE E 50 -13.76 6.11 -2.66
CA PHE E 50 -12.67 6.93 -2.15
C PHE E 50 -11.57 6.00 -1.64
N ASN E 51 -11.98 4.81 -1.19
CA ASN E 51 -11.06 3.81 -0.65
C ASN E 51 -10.13 3.15 -1.69
N GLU E 52 -9.60 3.95 -2.60
CA GLU E 52 -8.68 3.46 -3.62
C GLU E 52 -7.39 4.26 -3.50
N ASP E 53 -6.26 3.56 -3.48
CA ASP E 53 -4.96 4.18 -3.32
C ASP E 53 -4.64 5.29 -4.31
N VAL E 54 -5.16 5.16 -5.53
CA VAL E 54 -4.92 6.16 -6.55
C VAL E 54 -5.35 7.55 -6.09
N PHE E 55 -6.33 7.60 -5.19
CA PHE E 55 -6.82 8.89 -4.73
C PHE E 55 -5.88 9.64 -3.77
N ASN E 56 -4.94 8.93 -3.16
CA ASN E 56 -3.98 9.59 -2.29
C ASN E 56 -3.19 10.61 -3.10
N GLY E 57 -3.06 10.37 -4.40
CA GLY E 57 -2.31 11.29 -5.23
C GLY E 57 -3.03 11.98 -6.38
N HIS E 58 -4.34 11.79 -6.53
CA HIS E 58 -5.04 12.39 -7.67
C HIS E 58 -6.44 12.92 -7.35
N PHE E 59 -6.56 14.03 -6.63
CA PHE E 59 -5.43 14.77 -6.10
C PHE E 59 -5.77 14.95 -4.63
N PRO E 60 -4.77 15.28 -3.80
CA PRO E 60 -5.04 15.49 -2.38
C PRO E 60 -6.19 16.49 -2.20
N ASN E 61 -7.20 16.10 -1.44
CA ASN E 61 -8.37 16.94 -1.19
C ASN E 61 -9.34 17.04 -2.36
N LYS E 62 -8.94 16.53 -3.52
CA LYS E 62 -9.82 16.58 -4.65
C LYS E 62 -9.77 15.27 -5.45
N PRO E 63 -10.49 14.23 -4.96
CA PRO E 63 -10.58 12.90 -5.57
C PRO E 63 -11.11 12.92 -7.00
N ILE E 64 -10.25 12.63 -7.96
CA ILE E 64 -10.61 12.57 -9.37
C ILE E 64 -10.05 11.27 -9.98
N PHE E 65 -10.94 10.38 -10.43
CA PHE E 65 -10.44 9.15 -11.03
C PHE E 65 -9.66 9.55 -12.28
N PRO E 66 -8.39 9.15 -12.38
CA PRO E 66 -7.53 9.48 -13.53
C PRO E 66 -8.08 9.08 -14.90
N GLY E 67 -8.12 10.04 -15.83
CA GLY E 67 -8.61 9.79 -17.17
C GLY E 67 -7.93 8.64 -17.86
N VAL E 68 -6.62 8.53 -17.70
CA VAL E 68 -5.88 7.43 -18.32
C VAL E 68 -6.34 6.09 -17.77
N LEU E 69 -6.81 6.06 -16.53
CA LEU E 69 -7.28 4.81 -15.95
C LEU E 69 -8.67 4.45 -16.44
N ILE E 70 -9.39 5.43 -16.96
CA ILE E 70 -10.72 5.20 -17.52
C ILE E 70 -10.49 4.46 -18.84
N VAL E 71 -9.46 4.89 -19.55
CA VAL E 71 -9.11 4.29 -20.82
C VAL E 71 -8.62 2.86 -20.59
N GLU E 72 -7.81 2.68 -19.54
CA GLU E 72 -7.29 1.37 -19.19
C GLU E 72 -8.47 0.44 -18.91
N GLY E 73 -9.47 0.98 -18.22
CA GLY E 73 -10.66 0.21 -17.89
C GLY E 73 -11.43 -0.21 -19.12
N MET E 74 -11.48 0.66 -20.12
CA MET E 74 -12.17 0.36 -21.35
C MET E 74 -11.38 -0.70 -22.12
N ALA E 75 -10.06 -0.60 -22.07
CA ALA E 75 -9.20 -1.55 -22.75
C ALA E 75 -9.39 -2.94 -22.16
N GLN E 76 -9.40 -3.01 -20.84
CA GLN E 76 -9.59 -4.29 -20.16
C GLN E 76 -10.92 -4.90 -20.53
N SER E 77 -11.94 -4.06 -20.72
CA SER E 77 -13.26 -4.55 -21.10
C SER E 77 -13.16 -5.16 -22.48
N GLY E 78 -12.46 -4.47 -23.38
CA GLY E 78 -12.29 -4.97 -24.72
C GLY E 78 -11.52 -6.28 -24.65
N GLY E 79 -10.52 -6.30 -23.78
CA GLY E 79 -9.70 -7.48 -23.62
C GLY E 79 -10.52 -8.70 -23.24
N PHE E 80 -11.44 -8.52 -22.30
CA PHE E 80 -12.30 -9.61 -21.87
C PHE E 80 -13.13 -10.09 -23.03
N LEU E 81 -13.64 -9.14 -23.80
CA LEU E 81 -14.46 -9.43 -24.96
C LEU E 81 -13.60 -10.17 -25.99
N ALA E 82 -12.38 -9.69 -26.20
CA ALA E 82 -11.48 -10.29 -27.17
C ALA E 82 -11.15 -11.72 -26.82
N PHE E 83 -10.79 -11.97 -25.56
CA PHE E 83 -10.41 -13.31 -25.17
C PHE E 83 -11.52 -14.35 -25.26
N THR E 84 -12.70 -14.01 -24.77
CA THR E 84 -13.80 -14.95 -24.78
C THR E 84 -14.38 -15.16 -26.18
N SER E 85 -14.17 -14.19 -27.07
CA SER E 85 -14.67 -14.33 -28.43
C SER E 85 -13.75 -15.32 -29.14
N LEU E 86 -12.50 -15.35 -28.72
CA LEU E 86 -11.50 -16.23 -29.29
C LEU E 86 -11.61 -17.67 -28.80
N TRP E 87 -11.39 -17.89 -27.51
CA TRP E 87 -11.44 -19.23 -26.93
C TRP E 87 -12.65 -19.49 -26.05
N GLY E 88 -13.51 -18.49 -25.92
CA GLY E 88 -14.66 -18.67 -25.06
C GLY E 88 -14.22 -18.46 -23.62
N PHE E 89 -14.97 -18.99 -22.66
CA PHE E 89 -14.59 -18.83 -21.27
C PHE E 89 -13.69 -20.00 -20.89
N ASP E 90 -12.39 -19.83 -21.13
CA ASP E 90 -11.42 -20.86 -20.84
C ASP E 90 -10.29 -20.33 -19.96
N PRO E 91 -10.40 -20.55 -18.64
CA PRO E 91 -9.39 -20.10 -17.67
C PRO E 91 -7.98 -20.64 -17.89
N GLU E 92 -7.86 -21.94 -18.20
CA GLU E 92 -6.57 -22.57 -18.41
C GLU E 92 -5.79 -21.96 -19.58
N ILE E 93 -6.50 -21.51 -20.61
CA ILE E 93 -5.84 -20.88 -21.74
C ILE E 93 -5.50 -19.43 -21.35
N ALA E 94 -6.45 -18.75 -20.72
CA ALA E 94 -6.29 -17.36 -20.29
C ALA E 94 -5.09 -17.20 -19.35
N LYS E 95 -4.94 -18.16 -18.47
CA LYS E 95 -3.88 -18.25 -17.46
C LYS E 95 -2.50 -17.76 -17.90
N THR E 96 -2.09 -18.03 -19.14
CA THR E 96 -0.77 -17.61 -19.59
C THR E 96 -0.71 -16.55 -20.67
N LYS E 97 -1.77 -15.75 -20.78
CA LYS E 97 -1.83 -14.67 -21.77
C LYS E 97 -1.69 -13.33 -21.06
N ILE E 98 -1.14 -12.35 -21.76
CA ILE E 98 -1.06 -11.00 -21.22
C ILE E 98 -1.62 -10.15 -22.34
N VAL E 99 -1.88 -8.87 -22.06
CA VAL E 99 -2.44 -7.98 -23.07
C VAL E 99 -1.58 -6.76 -23.23
N TYR E 100 -1.21 -6.44 -24.47
CA TYR E 100 -0.40 -5.27 -24.74
C TYR E 100 -1.25 -4.23 -25.46
N PHE E 101 -1.05 -2.98 -25.07
CA PHE E 101 -1.73 -1.85 -25.66
C PHE E 101 -0.92 -1.55 -26.93
N MET E 102 -1.60 -1.30 -28.06
CA MET E 102 -0.87 -0.99 -29.28
C MET E 102 -1.05 0.48 -29.63
N THR E 103 -2.29 0.95 -29.62
CA THR E 103 -2.56 2.35 -29.93
C THR E 103 -3.78 2.86 -29.18
N ILE E 104 -3.90 4.18 -29.10
CA ILE E 104 -5.03 4.84 -28.46
C ILE E 104 -5.31 6.07 -29.32
N ASP E 105 -6.58 6.29 -29.67
CA ASP E 105 -6.92 7.45 -30.49
C ASP E 105 -8.26 8.06 -30.11
N LYS E 106 -8.47 9.27 -30.60
CA LYS E 106 -9.71 10.01 -30.41
C LYS E 106 -10.37 9.89 -29.03
N VAL E 107 -9.60 10.08 -27.97
CA VAL E 107 -10.21 10.01 -26.65
C VAL E 107 -10.53 11.44 -26.22
N LYS E 108 -11.67 11.60 -25.57
CA LYS E 108 -12.10 12.89 -25.10
C LYS E 108 -12.75 12.69 -23.73
N PHE E 109 -12.32 13.46 -22.74
CA PHE E 109 -12.90 13.37 -21.40
C PHE E 109 -13.87 14.52 -21.26
N ARG E 110 -15.13 14.21 -20.98
CA ARG E 110 -16.15 15.25 -20.87
C ARG E 110 -16.53 15.61 -19.44
N ILE E 111 -16.60 14.60 -18.57
CA ILE E 111 -16.99 14.82 -17.19
C ILE E 111 -16.09 14.08 -16.22
N PRO E 112 -15.63 14.77 -15.16
CA PRO E 112 -14.76 14.12 -14.18
C PRO E 112 -15.46 13.00 -13.42
N VAL E 113 -14.77 11.89 -13.23
CA VAL E 113 -15.32 10.76 -12.51
C VAL E 113 -14.79 10.86 -11.07
N THR E 114 -15.71 10.77 -10.11
CA THR E 114 -15.36 10.88 -8.70
C THR E 114 -15.88 9.71 -7.87
N PRO E 115 -15.45 9.62 -6.59
CA PRO E 115 -15.88 8.55 -5.69
C PRO E 115 -17.41 8.54 -5.58
N GLY E 116 -18.00 7.35 -5.66
CA GLY E 116 -19.44 7.24 -5.61
C GLY E 116 -20.02 6.95 -6.98
N ASP E 117 -19.24 7.19 -8.03
CA ASP E 117 -19.69 6.94 -9.39
C ASP E 117 -19.59 5.47 -9.78
N ARG E 118 -20.46 5.04 -10.68
CA ARG E 118 -20.45 3.68 -11.21
C ARG E 118 -20.00 3.90 -12.65
N LEU E 119 -18.69 3.72 -12.90
CA LEU E 119 -18.14 3.94 -14.23
C LEU E 119 -18.49 2.78 -15.16
N GLU E 120 -19.36 3.05 -16.11
CA GLU E 120 -19.82 2.02 -17.04
C GLU E 120 -19.12 2.08 -18.40
N TYR E 121 -18.43 0.98 -18.77
CA TYR E 121 -17.73 0.92 -20.04
C TYR E 121 -18.60 0.30 -21.13
N HIS E 122 -18.64 0.95 -22.30
CA HIS E 122 -19.39 0.44 -23.44
C HIS E 122 -18.41 0.35 -24.60
N LEU E 123 -18.00 -0.87 -24.93
CA LEU E 123 -17.07 -1.09 -26.01
C LEU E 123 -17.66 -1.92 -27.14
N GLU E 124 -17.34 -1.51 -28.37
CA GLU E 124 -17.79 -2.21 -29.57
C GLU E 124 -16.58 -2.53 -30.44
N VAL E 125 -16.56 -3.73 -31.01
CA VAL E 125 -15.47 -4.15 -31.86
C VAL E 125 -15.54 -3.46 -33.21
N LEU E 126 -14.54 -2.65 -33.52
CA LEU E 126 -14.51 -1.91 -34.79
C LEU E 126 -13.79 -2.74 -35.85
N LYS E 127 -12.91 -3.62 -35.40
CA LYS E 127 -12.15 -4.47 -36.28
C LYS E 127 -11.20 -5.35 -35.48
N HIS E 128 -11.13 -6.61 -35.86
CA HIS E 128 -10.26 -7.55 -35.18
C HIS E 128 -9.72 -8.54 -36.18
N LYS E 129 -8.49 -8.99 -35.94
CA LYS E 129 -7.82 -9.96 -36.80
C LYS E 129 -6.84 -10.72 -35.92
N GLY E 130 -7.15 -11.98 -35.64
CA GLY E 130 -6.30 -12.77 -34.79
C GLY E 130 -6.28 -12.20 -33.39
N MET E 131 -5.09 -11.93 -32.88
CA MET E 131 -4.91 -11.39 -31.54
C MET E 131 -5.07 -9.86 -31.48
N ILE E 132 -5.16 -9.22 -32.64
CA ILE E 132 -5.28 -7.77 -32.69
C ILE E 132 -6.71 -7.25 -32.77
N TRP E 133 -7.17 -6.69 -31.66
CA TRP E 133 -8.51 -6.15 -31.57
C TRP E 133 -8.53 -4.64 -31.48
N GLN E 134 -9.44 -4.04 -32.25
CA GLN E 134 -9.62 -2.59 -32.30
C GLN E 134 -11.02 -2.26 -31.80
N VAL E 135 -11.11 -1.70 -30.60
CA VAL E 135 -12.41 -1.37 -30.04
C VAL E 135 -12.59 0.12 -29.87
N GLY E 136 -13.84 0.53 -29.71
CA GLY E 136 -14.15 1.93 -29.54
C GLY E 136 -15.45 2.05 -28.78
N GLY E 137 -15.59 3.09 -27.99
CA GLY E 137 -16.81 3.25 -27.23
C GLY E 137 -16.75 4.41 -26.26
N THR E 138 -17.52 4.29 -25.19
CA THR E 138 -17.60 5.33 -24.17
C THR E 138 -17.57 4.77 -22.76
N ALA E 139 -17.41 5.68 -21.81
CA ALA E 139 -17.43 5.36 -20.39
C ALA E 139 -18.56 6.26 -19.93
N GLN E 140 -19.53 5.69 -19.23
CA GLN E 140 -20.69 6.45 -18.77
C GLN E 140 -20.95 6.40 -17.28
N VAL E 141 -21.50 7.49 -16.76
CA VAL E 141 -21.86 7.59 -15.34
C VAL E 141 -23.30 8.09 -15.30
N ASP E 142 -24.19 7.24 -14.79
CA ASP E 142 -25.59 7.58 -14.71
C ASP E 142 -26.13 7.96 -16.09
N GLY E 143 -25.88 7.10 -17.07
CA GLY E 143 -26.37 7.34 -18.42
C GLY E 143 -25.74 8.48 -19.22
N LYS E 144 -24.76 9.17 -18.66
CA LYS E 144 -24.12 10.28 -19.39
C LYS E 144 -22.70 9.92 -19.82
N VAL E 145 -22.32 10.35 -21.01
CA VAL E 145 -20.99 10.06 -21.51
C VAL E 145 -19.98 10.94 -20.79
N VAL E 146 -19.06 10.31 -20.07
CA VAL E 146 -18.04 11.06 -19.36
C VAL E 146 -16.73 10.93 -20.10
N ALA E 147 -16.68 10.02 -21.07
CA ALA E 147 -15.47 9.79 -21.84
C ALA E 147 -15.72 8.98 -23.10
N GLU E 148 -14.92 9.24 -24.13
CA GLU E 148 -14.99 8.53 -25.40
C GLU E 148 -13.57 8.07 -25.68
N ALA E 149 -13.42 6.90 -26.29
CA ALA E 149 -12.10 6.42 -26.60
C ALA E 149 -12.12 5.33 -27.65
N GLU E 150 -11.01 5.23 -28.36
CA GLU E 150 -10.81 4.25 -29.41
C GLU E 150 -9.43 3.66 -29.13
N LEU E 151 -9.33 2.34 -29.15
CA LEU E 151 -8.04 1.70 -28.88
C LEU E 151 -7.85 0.35 -29.56
N LYS E 152 -6.58 -0.03 -29.70
CA LYS E 152 -6.21 -1.30 -30.31
C LYS E 152 -5.24 -1.99 -29.38
N ALA E 153 -5.61 -3.19 -28.94
CA ALA E 153 -4.76 -3.95 -28.05
C ALA E 153 -4.46 -5.31 -28.67
N MET E 154 -3.40 -5.93 -28.19
CA MET E 154 -3.00 -7.22 -28.71
C MET E 154 -2.96 -8.23 -27.57
N ILE E 155 -3.51 -9.42 -27.81
CA ILE E 155 -3.47 -10.48 -26.82
C ILE E 155 -2.25 -11.31 -27.18
N ALA E 156 -1.46 -11.69 -26.18
CA ALA E 156 -0.25 -12.46 -26.44
C ALA E 156 0.08 -13.46 -25.34
N GLU E 157 0.72 -14.55 -25.75
CA GLU E 157 1.14 -15.63 -24.85
C GLU E 157 2.40 -15.20 -24.06
N ARG E 158 2.39 -15.40 -22.74
CA ARG E 158 3.54 -15.06 -21.91
C ARG E 158 4.72 -15.92 -22.38
N GLU E 159 5.86 -15.29 -22.67
CA GLU E 159 7.02 -16.07 -23.11
C GLU E 159 8.32 -15.47 -22.59
N GLN F 11 18.41 22.39 -14.25
CA GLN F 11 17.45 21.27 -14.00
C GLN F 11 16.50 21.55 -12.84
N PHE F 12 15.37 20.83 -12.81
CA PHE F 12 14.40 20.95 -11.73
C PHE F 12 14.31 19.55 -11.13
N PHE F 13 14.57 19.43 -9.83
CA PHE F 13 14.52 18.12 -9.19
C PHE F 13 13.17 17.82 -8.56
N ILE F 14 13.00 16.62 -8.00
CA ILE F 14 11.71 16.25 -7.42
C ILE F 14 11.12 17.32 -6.51
N GLU F 15 11.96 17.95 -5.69
CA GLU F 15 11.52 19.01 -4.79
C GLU F 15 10.83 20.16 -5.55
N HIS F 16 11.41 20.56 -6.69
CA HIS F 16 10.82 21.63 -7.50
C HIS F 16 9.55 21.14 -8.18
N ILE F 17 9.59 19.92 -8.70
CA ILE F 17 8.43 19.35 -9.35
C ILE F 17 7.25 19.33 -8.36
N LEU F 18 7.54 19.00 -7.11
CA LEU F 18 6.50 18.95 -6.08
C LEU F 18 5.85 20.32 -5.82
N GLN F 19 6.63 21.38 -5.95
CA GLN F 19 6.13 22.72 -5.73
C GLN F 19 5.22 23.21 -6.87
N ILE F 20 5.34 22.59 -8.05
CA ILE F 20 4.50 23.00 -9.17
C ILE F 20 3.35 22.05 -9.52
N LEU F 21 3.64 20.77 -9.69
CA LEU F 21 2.59 19.81 -10.03
C LEU F 21 1.81 19.42 -8.77
N PRO F 22 0.47 19.29 -8.90
CA PRO F 22 -0.40 18.93 -7.77
C PRO F 22 -0.43 17.42 -7.54
N HIS F 23 0.04 16.65 -8.54
CA HIS F 23 0.04 15.20 -8.43
C HIS F 23 0.91 14.70 -7.29
N ARG F 24 0.45 13.64 -6.63
CA ARG F 24 1.20 13.03 -5.55
C ARG F 24 1.18 11.52 -5.68
N TYR F 25 1.84 10.85 -4.76
CA TYR F 25 1.91 9.39 -4.75
C TYR F 25 0.52 8.78 -4.63
N PRO F 26 0.22 7.74 -5.41
CA PRO F 26 1.11 7.12 -6.39
C PRO F 26 0.85 7.56 -7.83
N MET F 27 0.50 8.83 -8.01
CA MET F 27 0.22 9.34 -9.35
C MET F 27 1.14 10.47 -9.83
N LEU F 28 2.27 10.68 -9.17
CA LEU F 28 3.23 11.70 -9.61
C LEU F 28 4.28 10.89 -10.37
N LEU F 29 4.21 10.94 -11.69
CA LEU F 29 5.11 10.15 -12.53
C LEU F 29 6.26 10.84 -13.28
N VAL F 30 6.79 11.92 -12.71
CA VAL F 30 7.92 12.62 -13.30
C VAL F 30 8.90 12.86 -12.16
N ASP F 31 10.13 12.38 -12.33
CA ASP F 31 11.15 12.50 -11.30
C ASP F 31 12.12 13.67 -11.46
N ARG F 32 12.34 14.11 -12.69
CA ARG F 32 13.28 15.20 -12.91
C ARG F 32 13.08 15.86 -14.27
N ILE F 33 13.31 17.17 -14.33
CA ILE F 33 13.18 17.93 -15.56
C ILE F 33 14.59 18.27 -16.01
N THR F 34 15.02 17.78 -17.16
CA THR F 34 16.36 18.06 -17.65
C THR F 34 16.46 19.30 -18.56
N GLU F 35 15.39 19.58 -19.33
CA GLU F 35 15.37 20.74 -20.23
C GLU F 35 14.02 21.45 -20.23
N LEU F 36 14.05 22.77 -20.33
CA LEU F 36 12.81 23.54 -20.35
C LEU F 36 12.94 24.80 -21.19
N GLN F 37 12.06 24.96 -22.17
CA GLN F 37 12.05 26.15 -23.01
C GLN F 37 10.61 26.64 -23.11
N ALA F 38 10.31 27.72 -22.38
CA ALA F 38 8.98 28.31 -22.34
C ALA F 38 8.26 28.34 -23.71
N ASN F 39 7.02 27.86 -23.72
CA ASN F 39 6.18 27.82 -24.92
C ASN F 39 6.79 27.04 -26.08
N GLN F 40 7.81 26.25 -25.80
CA GLN F 40 8.47 25.50 -26.85
C GLN F 40 8.51 24.00 -26.62
N LYS F 41 9.31 23.57 -25.64
CA LYS F 41 9.45 22.14 -25.38
C LYS F 41 10.00 21.84 -24.00
N ILE F 42 9.81 20.59 -23.59
CA ILE F 42 10.33 20.15 -22.30
C ILE F 42 10.79 18.72 -22.38
N VAL F 43 11.95 18.44 -21.79
CA VAL F 43 12.49 17.08 -21.76
C VAL F 43 12.60 16.70 -20.28
N ALA F 44 12.04 15.55 -19.92
CA ALA F 44 12.08 15.10 -18.53
C ALA F 44 12.06 13.58 -18.50
N TYR F 45 12.18 13.02 -17.30
CA TYR F 45 12.16 11.57 -17.20
C TYR F 45 11.64 11.05 -15.88
N LYS F 46 11.39 9.74 -15.86
CA LYS F 46 10.94 9.04 -14.68
C LYS F 46 11.64 7.70 -14.65
N ASN F 47 12.23 7.35 -13.50
CA ASN F 47 12.88 6.05 -13.39
C ASN F 47 11.82 4.96 -13.15
N ILE F 48 12.04 3.81 -13.75
CA ILE F 48 11.16 2.67 -13.60
C ILE F 48 11.94 1.64 -12.80
N THR F 49 11.38 1.27 -11.65
CA THR F 49 12.01 0.31 -10.74
C THR F 49 10.98 -0.77 -10.39
N PHE F 50 11.45 -1.97 -10.06
CA PHE F 50 10.51 -3.02 -9.70
C PHE F 50 9.75 -2.65 -8.42
N ASN F 51 10.35 -1.82 -7.59
CA ASN F 51 9.77 -1.38 -6.31
C ASN F 51 8.59 -0.41 -6.44
N GLU F 52 7.72 -0.65 -7.42
CA GLU F 52 6.56 0.20 -7.62
C GLU F 52 5.32 -0.71 -7.52
N ASP F 53 4.33 -0.25 -6.78
CA ASP F 53 3.09 -0.98 -6.54
C ASP F 53 2.35 -1.44 -7.81
N VAL F 54 2.39 -0.62 -8.86
CA VAL F 54 1.73 -0.96 -10.13
C VAL F 54 2.10 -2.35 -10.62
N PHE F 55 3.38 -2.70 -10.46
CA PHE F 55 3.86 -3.99 -10.94
C PHE F 55 3.24 -5.21 -10.29
N ASN F 56 2.67 -5.03 -9.10
CA ASN F 56 2.01 -6.15 -8.44
C ASN F 56 0.88 -6.66 -9.36
N GLY F 57 0.27 -5.75 -10.10
CA GLY F 57 -0.82 -6.16 -10.99
C GLY F 57 -0.61 -6.00 -12.49
N HIS F 58 0.54 -5.50 -12.93
CA HIS F 58 0.74 -5.30 -14.37
C HIS F 58 2.14 -5.67 -14.89
N PHE F 59 2.46 -6.96 -14.97
CA PHE F 59 1.58 -8.06 -14.62
C PHE F 59 2.31 -9.00 -13.68
N PRO F 60 1.57 -9.88 -12.99
CA PRO F 60 2.24 -10.81 -12.08
C PRO F 60 3.27 -11.64 -12.85
N ASN F 61 4.48 -11.73 -12.32
CA ASN F 61 5.53 -12.50 -12.99
C ASN F 61 6.06 -11.87 -14.28
N LYS F 62 5.51 -10.71 -14.66
CA LYS F 62 5.98 -10.04 -15.88
C LYS F 62 5.74 -8.53 -15.78
N PRO F 63 6.70 -7.80 -15.19
CA PRO F 63 6.68 -6.35 -14.97
C PRO F 63 6.70 -5.53 -16.26
N ILE F 64 5.56 -4.91 -16.56
CA ILE F 64 5.41 -4.06 -17.75
C ILE F 64 4.79 -2.74 -17.29
N PHE F 65 5.54 -1.64 -17.38
CA PHE F 65 5.00 -0.35 -16.96
C PHE F 65 3.79 -0.03 -17.83
N PRO F 66 2.63 0.23 -17.22
CA PRO F 66 1.40 0.53 -17.98
C PRO F 66 1.53 1.62 -19.06
N GLY F 67 1.07 1.27 -20.26
CA GLY F 67 1.12 2.20 -21.37
C GLY F 67 0.40 3.51 -21.08
N VAL F 68 -0.73 3.41 -20.37
CA VAL F 68 -1.50 4.60 -20.03
C VAL F 68 -0.76 5.47 -19.03
N LEU F 69 0.18 4.87 -18.29
CA LEU F 69 0.95 5.63 -17.32
C LEU F 69 2.12 6.32 -18.00
N ILE F 70 2.50 5.81 -19.17
CA ILE F 70 3.56 6.43 -19.94
C ILE F 70 2.94 7.74 -20.42
N VAL F 71 1.70 7.67 -20.89
CA VAL F 71 0.99 8.85 -21.38
C VAL F 71 0.76 9.85 -20.24
N GLU F 72 0.43 9.35 -19.05
CA GLU F 72 0.20 10.23 -17.89
C GLU F 72 1.51 10.96 -17.58
N GLY F 73 2.61 10.23 -17.67
CA GLY F 73 3.91 10.83 -17.43
C GLY F 73 4.21 11.91 -18.45
N MET F 74 3.69 11.77 -19.65
CA MET F 74 3.92 12.76 -20.69
C MET F 74 3.04 13.98 -20.45
N ALA F 75 1.81 13.75 -20.00
CA ALA F 75 0.87 14.82 -19.71
C ALA F 75 1.42 15.67 -18.58
N GLN F 76 1.90 15.00 -17.53
CA GLN F 76 2.47 15.72 -16.40
C GLN F 76 3.66 16.56 -16.85
N SER F 77 4.51 15.99 -17.71
CA SER F 77 5.66 16.71 -18.22
C SER F 77 5.14 17.95 -18.96
N GLY F 78 4.08 17.75 -19.72
CA GLY F 78 3.49 18.86 -20.44
C GLY F 78 2.86 19.83 -19.47
N GLY F 79 2.28 19.30 -18.41
CA GLY F 79 1.66 20.14 -17.41
C GLY F 79 2.68 21.10 -16.82
N PHE F 80 3.85 20.58 -16.47
CA PHE F 80 4.91 21.40 -15.89
C PHE F 80 5.32 22.51 -16.85
N LEU F 81 5.32 22.20 -18.13
CA LEU F 81 5.68 23.18 -19.16
C LEU F 81 4.60 24.27 -19.23
N ALA F 82 3.34 23.87 -19.08
CA ALA F 82 2.22 24.80 -19.10
C ALA F 82 2.24 25.73 -17.88
N PHE F 83 2.41 25.17 -16.68
CA PHE F 83 2.44 25.97 -15.46
C PHE F 83 3.52 27.04 -15.53
N THR F 84 4.75 26.62 -15.85
CA THR F 84 5.87 27.55 -15.89
C THR F 84 5.81 28.55 -17.04
N SER F 85 5.34 28.11 -18.20
CA SER F 85 5.22 29.02 -19.34
C SER F 85 4.18 30.08 -19.00
N LEU F 86 3.20 29.68 -18.23
CA LEU F 86 2.10 30.56 -17.85
C LEU F 86 2.46 31.53 -16.74
N TRP F 87 3.03 31.01 -15.66
CA TRP F 87 3.37 31.84 -14.51
C TRP F 87 4.81 31.77 -13.99
N GLY F 88 5.71 31.19 -14.76
CA GLY F 88 7.07 31.08 -14.29
C GLY F 88 7.08 30.08 -13.14
N PHE F 89 8.19 29.97 -12.42
CA PHE F 89 8.25 29.03 -11.30
C PHE F 89 7.61 29.70 -10.08
N ASP F 90 6.31 29.52 -9.95
CA ASP F 90 5.55 30.11 -8.86
C ASP F 90 4.83 29.06 -8.03
N PRO F 91 5.45 28.60 -6.93
CA PRO F 91 4.79 27.59 -6.09
C PRO F 91 3.46 28.07 -5.52
N GLU F 92 3.35 29.37 -5.25
CA GLU F 92 2.12 29.91 -4.68
C GLU F 92 0.92 29.78 -5.61
N ILE F 93 1.04 30.28 -6.84
CA ILE F 93 -0.04 30.18 -7.80
C ILE F 93 -0.32 28.69 -8.11
N ALA F 94 0.74 27.88 -8.15
CA ALA F 94 0.61 26.46 -8.43
C ALA F 94 -0.26 25.67 -7.44
N LYS F 95 -0.15 26.00 -6.14
CA LYS F 95 -0.91 25.26 -5.13
C LYS F 95 -2.43 25.44 -5.17
N THR F 96 -2.92 26.33 -6.02
CA THR F 96 -4.37 26.54 -6.10
C THR F 96 -4.98 25.78 -7.29
N LYS F 97 -4.13 25.37 -8.22
CA LYS F 97 -4.59 24.69 -9.43
C LYS F 97 -4.43 23.17 -9.42
N ILE F 98 -5.14 22.52 -10.34
CA ILE F 98 -5.07 21.08 -10.56
C ILE F 98 -5.05 20.97 -12.07
N VAL F 99 -4.95 19.76 -12.60
CA VAL F 99 -4.92 19.57 -14.05
C VAL F 99 -5.85 18.47 -14.54
N TYR F 100 -6.64 18.78 -15.56
CA TYR F 100 -7.58 17.82 -16.15
C TYR F 100 -7.14 17.42 -17.54
N PHE F 101 -7.37 16.16 -17.87
CA PHE F 101 -7.04 15.64 -19.19
C PHE F 101 -8.26 15.99 -20.05
N MET F 102 -8.03 16.54 -21.24
CA MET F 102 -9.13 16.89 -22.14
C MET F 102 -9.22 15.89 -23.31
N THR F 103 -8.10 15.72 -24.03
CA THR F 103 -8.06 14.77 -25.15
C THR F 103 -6.72 14.07 -25.22
N ILE F 104 -6.72 12.92 -25.87
CA ILE F 104 -5.51 12.12 -26.10
C ILE F 104 -5.71 11.60 -27.50
N ASP F 105 -4.67 11.67 -28.32
CA ASP F 105 -4.82 11.19 -29.68
C ASP F 105 -3.50 10.75 -30.30
N LYS F 106 -3.61 9.91 -31.32
CA LYS F 106 -2.45 9.41 -32.06
C LYS F 106 -1.37 8.82 -31.17
N VAL F 107 -1.74 7.95 -30.24
CA VAL F 107 -0.72 7.35 -29.40
C VAL F 107 -0.40 5.96 -29.93
N LYS F 108 0.89 5.63 -29.93
CA LYS F 108 1.34 4.33 -30.38
C LYS F 108 2.45 3.89 -29.45
N PHE F 109 2.42 2.62 -29.07
CA PHE F 109 3.45 2.07 -28.20
C PHE F 109 4.28 1.12 -29.06
N ARG F 110 5.59 1.31 -29.06
CA ARG F 110 6.47 0.47 -29.86
C ARG F 110 7.24 -0.53 -29.02
N ILE F 111 7.76 -0.09 -27.88
CA ILE F 111 8.53 -0.99 -27.04
C ILE F 111 8.08 -0.97 -25.59
N PRO F 112 7.90 -2.15 -24.99
CA PRO F 112 7.47 -2.21 -23.59
C PRO F 112 8.52 -1.60 -22.66
N VAL F 113 8.06 -0.86 -21.66
CA VAL F 113 8.95 -0.23 -20.68
C VAL F 113 8.92 -1.13 -19.46
N THR F 114 10.08 -1.44 -18.93
CA THR F 114 10.18 -2.35 -17.80
C THR F 114 11.10 -1.81 -16.71
N PRO F 115 11.15 -2.48 -15.54
CA PRO F 115 12.03 -2.01 -14.47
C PRO F 115 13.49 -1.96 -14.94
N GLY F 116 14.18 -0.88 -14.57
CA GLY F 116 15.57 -0.72 -14.98
C GLY F 116 15.67 0.33 -16.07
N ASP F 117 14.53 0.68 -16.65
CA ASP F 117 14.48 1.68 -17.71
C ASP F 117 14.39 3.09 -17.16
N ARG F 118 14.96 4.02 -17.93
CA ARG F 118 14.92 5.44 -17.60
C ARG F 118 13.95 5.94 -18.66
N LEU F 119 12.72 6.25 -18.24
CA LEU F 119 11.69 6.71 -19.16
C LEU F 119 11.75 8.22 -19.37
N GLU F 120 12.27 8.61 -20.52
CA GLU F 120 12.43 10.01 -20.88
C GLU F 120 11.28 10.58 -21.70
N TYR F 121 10.73 11.71 -21.25
CA TYR F 121 9.62 12.39 -21.92
C TYR F 121 10.12 13.55 -22.76
N HIS F 122 9.63 13.63 -24.00
CA HIS F 122 9.99 14.70 -24.92
C HIS F 122 8.69 15.31 -25.43
N LEU F 123 8.29 16.44 -24.86
CA LEU F 123 7.06 17.12 -25.28
C LEU F 123 7.34 18.51 -25.85
N GLU F 124 6.62 18.86 -26.92
CA GLU F 124 6.73 20.18 -27.52
C GLU F 124 5.32 20.75 -27.55
N VAL F 125 5.20 22.07 -27.61
CA VAL F 125 3.90 22.73 -27.64
C VAL F 125 3.35 22.77 -29.06
N LEU F 126 2.13 22.27 -29.22
CA LEU F 126 1.49 22.28 -30.54
C LEU F 126 0.60 23.51 -30.61
N LYS F 127 -0.12 23.77 -29.52
CA LYS F 127 -1.01 24.92 -29.46
C LYS F 127 -1.47 25.17 -28.02
N HIS F 128 -1.72 26.43 -27.70
CA HIS F 128 -2.16 26.76 -26.35
C HIS F 128 -2.95 28.07 -26.35
N LYS F 129 -3.83 28.19 -25.36
CA LYS F 129 -4.66 29.38 -25.21
C LYS F 129 -5.23 29.37 -23.79
N GLY F 130 -4.84 30.34 -22.99
CA GLY F 130 -5.34 30.38 -21.62
C GLY F 130 -4.86 29.17 -20.83
N MET F 131 -5.79 28.49 -20.17
CA MET F 131 -5.46 27.31 -19.36
C MET F 131 -5.42 26.03 -20.18
N ILE F 132 -5.77 26.13 -21.46
CA ILE F 132 -5.80 24.96 -22.34
C ILE F 132 -4.54 24.79 -23.18
N TRP F 133 -3.84 23.68 -22.97
CA TRP F 133 -2.59 23.39 -23.68
C TRP F 133 -2.58 22.08 -24.44
N GLN F 134 -2.15 22.13 -25.71
CA GLN F 134 -2.07 20.94 -26.54
C GLN F 134 -0.62 20.64 -26.86
N VAL F 135 -0.15 19.47 -26.43
CA VAL F 135 1.23 19.08 -26.67
C VAL F 135 1.33 17.70 -27.31
N GLY F 136 2.52 17.40 -27.82
CA GLY F 136 2.75 16.12 -28.47
C GLY F 136 4.22 15.82 -28.47
N GLY F 137 4.55 14.53 -28.54
CA GLY F 137 5.95 14.15 -28.53
C GLY F 137 6.13 12.67 -28.38
N THR F 138 7.21 12.28 -27.71
CA THR F 138 7.51 10.87 -27.53
C THR F 138 8.06 10.55 -26.14
N ALA F 139 8.10 9.26 -25.83
CA ALA F 139 8.65 8.75 -24.58
C ALA F 139 9.83 7.92 -25.08
N GLN F 140 11.00 8.08 -24.48
CA GLN F 140 12.16 7.34 -24.95
C GLN F 140 12.93 6.62 -23.86
N VAL F 141 13.54 5.51 -24.25
CA VAL F 141 14.36 4.69 -23.36
C VAL F 141 15.67 4.44 -24.10
N ASP F 142 16.76 4.87 -23.49
CA ASP F 142 18.08 4.71 -24.09
C ASP F 142 18.14 5.15 -25.55
N GLY F 143 17.55 6.30 -25.85
CA GLY F 143 17.60 6.81 -27.22
C GLY F 143 16.58 6.32 -28.23
N LYS F 144 15.74 5.36 -27.85
CA LYS F 144 14.72 4.83 -28.76
C LYS F 144 13.30 5.20 -28.36
N VAL F 145 12.49 5.56 -29.36
CA VAL F 145 11.10 5.92 -29.13
C VAL F 145 10.34 4.67 -28.70
N VAL F 146 9.80 4.70 -27.49
CA VAL F 146 9.04 3.55 -27.01
C VAL F 146 7.56 3.89 -27.12
N ALA F 147 7.25 5.15 -27.41
CA ALA F 147 5.87 5.60 -27.53
C ALA F 147 5.76 7.01 -28.08
N GLU F 148 4.62 7.30 -28.71
CA GLU F 148 4.35 8.62 -29.28
C GLU F 148 2.99 9.03 -28.76
N ALA F 149 2.73 10.33 -28.71
CA ALA F 149 1.43 10.79 -28.24
C ALA F 149 1.18 12.29 -28.37
N GLU F 150 -0.10 12.65 -28.40
CA GLU F 150 -0.54 14.02 -28.47
C GLU F 150 -1.65 14.13 -27.43
N LEU F 151 -1.71 15.25 -26.73
CA LEU F 151 -2.72 15.40 -25.71
C LEU F 151 -3.00 16.86 -25.39
N LYS F 152 -4.20 17.12 -24.91
CA LYS F 152 -4.59 18.46 -24.54
C LYS F 152 -5.09 18.40 -23.10
N ALA F 153 -4.54 19.26 -22.25
CA ALA F 153 -4.93 19.25 -20.84
C ALA F 153 -5.34 20.64 -20.38
N MET F 154 -6.18 20.70 -19.36
CA MET F 154 -6.62 22.00 -18.84
C MET F 154 -6.21 22.23 -17.38
N ILE F 155 -5.62 23.39 -17.14
CA ILE F 155 -5.21 23.79 -15.80
C ILE F 155 -6.43 24.49 -15.21
N ALA F 156 -6.77 24.18 -13.97
CA ALA F 156 -7.95 24.80 -13.35
C ALA F 156 -7.78 25.12 -11.87
N GLU F 157 -8.69 25.94 -11.35
CA GLU F 157 -8.71 26.34 -9.94
C GLU F 157 -9.38 25.24 -9.12
N ARG F 158 -8.64 24.62 -8.20
CA ARG F 158 -9.21 23.55 -7.38
C ARG F 158 -10.11 24.08 -6.26
#